data_4X6B
#
_entry.id   4X6B
#
_cell.length_a   74.320
_cell.length_b   78.998
_cell.length_c   89.590
_cell.angle_alpha   90.00
_cell.angle_beta   105.78
_cell.angle_gamma   90.00
#
_symmetry.space_group_name_H-M   'P 1 21 1'
#
loop_
_entity.id
_entity.type
_entity.pdbx_description
1 polymer 'TCR alpha'
2 polymer 'TCR beta'
3 water water
#
loop_
_entity_poly.entity_id
_entity_poly.type
_entity_poly.pdbx_seq_one_letter_code
_entity_poly.pdbx_strand_id
1 'polypeptide(L)'
;QKEVEQDPGPLSVPEGAIVSLNCTYSNSAFQYFMWYRQYSRKGPELLMYTYSSGNKEDGRFTAQVDKSSKYISLFIRDSQ
PSDSATYLCAMSTSLPNAGKSTFGDGTTLTVKPNIQNPDPAVYQLRDSKSSDKSVCLFTDFDSQTNVSQSKDSDVYITDK
CVLDMRSMDFKSNSAVAWSNKSDFACANAFNNSIIPEDTFFPSPESS
;
A,C
2 'polypeptide(L)'
;NAGVTQTPKFRVLKTGQSMTLLCAQDMNHEYMYWYRQDPGMGLRLIHYSVGEGTTAKGEVPDGYNVSRLKKQNFLLGLES
AAPSQTSVYFCASRYFLPTQGMGAFFGQGTRLTVVEDLNKVFPPEVAVFEPSEAEISHTQKATLVCLATGFYPDHVELSW
WVNGKEVHSGVCTDPQPLKEQPALNDSRYALSSRLRVSATFWQNPRNHFRCQVQFYGLSENDEWTQDRAKPVTQIVSAEA
WGRAD
;
B,D
#
# COMPACT_ATOMS: atom_id res chain seq x y z
N GLU A 3 24.69 20.71 -3.11
CA GLU A 3 25.54 19.57 -3.44
C GLU A 3 25.49 18.54 -2.32
N VAL A 4 25.05 17.34 -2.70
CA VAL A 4 24.93 16.18 -1.84
C VAL A 4 26.01 15.18 -2.27
N GLU A 5 26.85 14.74 -1.33
CA GLU A 5 27.89 13.74 -1.60
C GLU A 5 27.52 12.40 -0.96
N GLN A 6 27.03 11.47 -1.79
CA GLN A 6 26.62 10.14 -1.35
C GLN A 6 27.74 9.11 -1.56
N ASP A 7 27.87 8.15 -0.60
CA ASP A 7 28.81 7.01 -0.65
C ASP A 7 28.70 6.37 -2.04
N PRO A 8 29.79 6.31 -2.82
CA PRO A 8 29.67 5.80 -4.20
C PRO A 8 29.19 4.36 -4.37
N GLY A 9 29.69 3.46 -3.53
CA GLY A 9 29.42 2.03 -3.62
C GLY A 9 30.13 1.43 -4.84
N PRO A 10 29.75 0.24 -5.36
CA PRO A 10 28.69 -0.67 -4.87
C PRO A 10 29.05 -1.33 -3.55
N LEU A 11 28.04 -1.63 -2.75
CA LEU A 11 28.20 -2.25 -1.44
C LEU A 11 27.57 -3.66 -1.47
N SER A 12 28.36 -4.68 -1.11
CA SER A 12 27.92 -6.07 -1.08
C SER A 12 28.13 -6.64 0.33
N VAL A 13 27.06 -7.12 0.97
CA VAL A 13 27.11 -7.62 2.35
C VAL A 13 26.43 -9.00 2.52
N PRO A 14 26.85 -9.84 3.50
CA PRO A 14 26.10 -11.08 3.72
C PRO A 14 24.78 -10.78 4.46
N GLU A 15 23.76 -11.65 4.25
CA GLU A 15 22.47 -11.57 4.93
C GLU A 15 22.72 -11.54 6.47
N GLY A 16 22.01 -10.66 7.18
CA GLY A 16 22.12 -10.51 8.64
C GLY A 16 23.07 -9.42 9.12
N ALA A 17 23.88 -8.86 8.20
CA ALA A 17 24.81 -7.78 8.52
C ALA A 17 24.10 -6.44 8.71
N ILE A 18 24.65 -5.55 9.56
CA ILE A 18 24.15 -4.20 9.73
C ILE A 18 24.78 -3.41 8.57
N VAL A 19 23.99 -2.58 7.92
CA VAL A 19 24.44 -1.76 6.80
C VAL A 19 24.32 -0.30 7.20
N SER A 20 25.32 0.51 6.84
CA SER A 20 25.33 1.95 7.05
C SER A 20 25.43 2.64 5.68
N LEU A 21 24.40 3.46 5.31
CA LEU A 21 24.35 4.24 4.06
C LEU A 21 24.43 5.72 4.45
N ASN A 22 25.41 6.44 3.90
CA ASN A 22 25.67 7.83 4.31
C ASN A 22 25.74 8.83 3.17
N CYS A 23 25.46 10.10 3.52
CA CYS A 23 25.51 11.28 2.65
C CYS A 23 26.05 12.47 3.42
N THR A 24 26.86 13.31 2.76
CA THR A 24 27.31 14.59 3.29
C THR A 24 26.72 15.69 2.40
N TYR A 25 26.56 16.89 2.95
CA TYR A 25 26.01 18.02 2.19
C TYR A 25 26.74 19.30 2.56
N SER A 26 26.60 20.35 1.72
CA SER A 26 27.27 21.62 1.96
C SER A 26 26.28 22.76 2.28
N ASN A 27 24.99 22.61 1.90
CA ASN A 27 23.97 23.63 2.17
C ASN A 27 23.41 23.56 3.61
N SER A 28 23.76 24.57 4.42
CA SER A 28 23.33 24.75 5.81
C SER A 28 21.81 24.90 5.99
N ALA A 29 21.10 25.39 4.95
CA ALA A 29 19.65 25.58 4.99
C ALA A 29 18.85 24.26 4.84
N PHE A 30 19.51 23.12 4.48
CA PHE A 30 18.82 21.82 4.37
C PHE A 30 18.17 21.45 5.69
N GLN A 31 16.90 21.06 5.63
CA GLN A 31 16.05 20.81 6.80
C GLN A 31 15.25 19.52 6.72
N TYR A 32 14.90 19.06 5.50
CA TYR A 32 14.11 17.84 5.27
C TYR A 32 15.03 16.81 4.64
N PHE A 33 15.07 15.60 5.23
CA PHE A 33 16.00 14.55 4.84
C PHE A 33 15.26 13.26 4.49
N MET A 34 15.35 12.86 3.22
CA MET A 34 14.63 11.71 2.71
C MET A 34 15.52 10.60 2.20
N TRP A 35 15.05 9.37 2.33
CA TRP A 35 15.73 8.18 1.81
C TRP A 35 14.77 7.48 0.89
N TYR A 36 15.20 7.24 -0.36
CA TYR A 36 14.41 6.51 -1.36
C TYR A 36 15.08 5.18 -1.62
N ARG A 37 14.26 4.18 -1.94
CA ARG A 37 14.70 2.84 -2.30
C ARG A 37 14.28 2.62 -3.77
N GLN A 38 15.25 2.25 -4.62
CA GLN A 38 15.01 2.02 -6.04
C GLN A 38 15.44 0.63 -6.49
N TYR A 39 14.45 -0.24 -6.75
CA TYR A 39 14.68 -1.57 -7.28
C TYR A 39 15.09 -1.49 -8.74
N SER A 40 15.90 -2.46 -9.19
CA SER A 40 16.41 -2.58 -10.56
C SER A 40 15.32 -2.31 -11.58
N ARG A 41 15.54 -1.26 -12.39
CA ARG A 41 14.64 -0.82 -13.46
C ARG A 41 13.19 -0.49 -13.03
N LYS A 42 13.07 0.16 -11.84
CA LYS A 42 11.79 0.61 -11.26
C LYS A 42 11.97 2.06 -10.84
N GLY A 43 10.88 2.71 -10.47
CA GLY A 43 10.94 4.08 -9.96
C GLY A 43 11.38 4.15 -8.50
N PRO A 44 12.01 5.27 -8.05
CA PRO A 44 12.35 5.39 -6.62
C PRO A 44 11.09 5.44 -5.74
N GLU A 45 11.18 4.90 -4.54
CA GLU A 45 10.06 4.81 -3.60
C GLU A 45 10.49 5.35 -2.25
N LEU A 46 9.73 6.31 -1.70
CA LEU A 46 10.06 6.89 -0.40
C LEU A 46 10.05 5.81 0.70
N LEU A 47 11.17 5.71 1.43
CA LEU A 47 11.32 4.70 2.48
C LEU A 47 11.28 5.32 3.89
N MET A 48 12.05 6.40 4.11
CA MET A 48 12.19 7.12 5.39
C MET A 48 12.28 8.61 5.10
N TYR A 49 11.78 9.43 6.02
CA TYR A 49 11.88 10.88 5.94
C TYR A 49 11.94 11.45 7.35
N THR A 50 12.77 12.49 7.55
CA THR A 50 12.86 13.15 8.86
C THR A 50 12.97 14.66 8.67
N TYR A 51 12.68 15.40 9.74
CA TYR A 51 12.75 16.85 9.82
C TYR A 51 13.81 17.20 10.86
N SER A 52 14.75 18.07 10.45
CA SER A 52 15.87 18.58 11.26
C SER A 52 16.80 17.49 11.82
N SER A 53 17.64 17.84 12.81
CA SER A 53 18.58 16.93 13.45
C SER A 53 17.85 15.88 14.30
N GLY A 54 18.48 14.73 14.48
CA GLY A 54 17.92 13.65 15.27
C GLY A 54 17.67 12.35 14.53
N ASN A 55 17.11 11.36 15.26
CA ASN A 55 16.85 10.01 14.74
C ASN A 55 15.38 9.64 14.64
N LYS A 56 15.08 8.68 13.75
CA LYS A 56 13.76 8.09 13.55
C LYS A 56 13.94 6.59 13.31
N GLU A 57 13.28 5.76 14.13
CA GLU A 57 13.34 4.30 14.05
C GLU A 57 12.04 3.73 13.47
N ASP A 58 12.17 2.82 12.48
CA ASP A 58 11.06 2.15 11.82
C ASP A 58 11.49 0.74 11.46
N GLY A 59 11.15 -0.21 12.34
CA GLY A 59 11.49 -1.62 12.18
C GLY A 59 12.99 -1.85 12.22
N ARG A 60 13.53 -2.40 11.11
CA ARG A 60 14.97 -2.66 10.95
C ARG A 60 15.73 -1.39 10.51
N PHE A 61 15.00 -0.29 10.24
CA PHE A 61 15.56 0.97 9.77
C PHE A 61 15.67 2.08 10.80
N THR A 62 16.81 2.79 10.76
CA THR A 62 17.09 3.99 11.54
C THR A 62 17.64 5.08 10.63
N ALA A 63 16.87 6.18 10.47
CA ALA A 63 17.34 7.34 9.72
C ALA A 63 17.90 8.30 10.77
N GLN A 64 19.13 8.81 10.57
CA GLN A 64 19.72 9.79 11.46
C GLN A 64 20.33 10.97 10.75
N VAL A 65 20.21 12.15 11.38
CA VAL A 65 20.67 13.43 10.84
C VAL A 65 21.46 14.17 11.90
N ASP A 66 22.68 14.60 11.55
CA ASP A 66 23.57 15.43 12.37
C ASP A 66 23.87 16.69 11.54
N LYS A 67 23.03 17.72 11.68
CA LYS A 67 23.14 18.99 10.97
C LYS A 67 24.46 19.72 11.27
N SER A 68 24.97 19.59 12.51
CA SER A 68 26.23 20.16 13.00
C SER A 68 27.40 19.80 12.07
N SER A 69 27.55 18.51 11.72
CA SER A 69 28.62 18.04 10.85
C SER A 69 28.16 17.75 9.39
N LYS A 70 26.91 18.12 9.06
CA LYS A 70 26.27 17.94 7.73
C LYS A 70 26.42 16.49 7.24
N TYR A 71 26.01 15.54 8.09
CA TYR A 71 26.16 14.11 7.89
C TYR A 71 24.88 13.40 8.20
N ILE A 72 24.37 12.63 7.25
CA ILE A 72 23.13 11.86 7.42
C ILE A 72 23.41 10.39 7.15
N SER A 73 22.65 9.50 7.78
CA SER A 73 22.84 8.07 7.63
C SER A 73 21.53 7.31 7.73
N LEU A 74 21.46 6.20 7.00
CA LEU A 74 20.38 5.24 7.05
C LEU A 74 21.01 3.92 7.48
N PHE A 75 20.58 3.38 8.62
CA PHE A 75 21.06 2.09 9.13
C PHE A 75 20.02 1.01 8.87
N ILE A 76 20.45 -0.14 8.33
CA ILE A 76 19.61 -1.32 8.06
C ILE A 76 20.13 -2.46 8.96
N ARG A 77 19.37 -2.81 10.02
CA ARG A 77 19.70 -3.92 10.92
C ARG A 77 19.24 -5.22 10.27
N ASP A 78 19.95 -6.33 10.55
CA ASP A 78 19.65 -7.69 10.05
C ASP A 78 19.24 -7.66 8.58
N SER A 79 20.14 -7.14 7.72
CA SER A 79 19.86 -7.00 6.28
C SER A 79 19.33 -8.30 5.64
N GLN A 80 18.38 -8.15 4.72
CA GLN A 80 17.72 -9.26 4.03
C GLN A 80 17.94 -9.17 2.52
N PRO A 81 17.98 -10.32 1.79
CA PRO A 81 18.15 -10.26 0.33
C PRO A 81 17.20 -9.32 -0.42
N SER A 82 15.97 -9.11 0.11
CA SER A 82 14.96 -8.20 -0.48
C SER A 82 15.32 -6.71 -0.31
N ASP A 83 16.35 -6.40 0.51
CA ASP A 83 16.81 -5.01 0.70
C ASP A 83 17.75 -4.59 -0.45
N SER A 84 18.14 -5.54 -1.32
CA SER A 84 19.03 -5.30 -2.46
C SER A 84 18.36 -4.30 -3.40
N ALA A 85 18.93 -3.09 -3.49
CA ALA A 85 18.37 -1.98 -4.28
C ALA A 85 19.37 -0.82 -4.30
N THR A 86 19.01 0.27 -5.01
CA THR A 86 19.82 1.50 -4.99
C THR A 86 19.16 2.42 -3.98
N TYR A 87 19.94 2.94 -3.06
CA TYR A 87 19.46 3.84 -2.02
C TYR A 87 19.90 5.26 -2.36
N LEU A 88 18.95 6.16 -2.44
CA LEU A 88 19.24 7.54 -2.76
C LEU A 88 18.79 8.45 -1.64
N CYS A 89 19.68 9.34 -1.21
CA CYS A 89 19.32 10.35 -0.22
C CYS A 89 18.88 11.61 -0.98
N ALA A 90 17.84 12.29 -0.47
CA ALA A 90 17.31 13.53 -1.04
C ALA A 90 17.11 14.53 0.09
N MET A 91 17.45 15.80 -0.18
CA MET A 91 17.38 16.86 0.81
C MET A 91 16.69 18.10 0.27
N SER A 92 15.91 18.75 1.12
CA SER A 92 15.22 19.99 0.81
C SER A 92 15.55 21.05 1.85
N THR A 93 15.66 22.31 1.39
CA THR A 93 15.92 23.47 2.26
C THR A 93 14.65 23.76 3.04
N SER A 94 14.77 24.52 4.15
CA SER A 94 13.65 24.97 4.96
C SER A 94 12.65 25.73 4.06
N LEU A 95 11.36 25.78 4.44
CA LEU A 95 10.34 26.45 3.63
C LEU A 95 10.60 27.98 3.54
N PRO A 96 10.48 28.61 2.34
CA PRO A 96 10.06 28.04 1.05
C PRO A 96 11.16 27.27 0.32
N ASN A 97 10.75 26.20 -0.38
CA ASN A 97 11.66 25.37 -1.15
C ASN A 97 11.04 25.02 -2.51
N ALA A 98 9.83 25.54 -2.79
CA ALA A 98 9.04 25.35 -4.03
C ALA A 98 8.82 23.88 -4.45
N GLY A 99 8.82 22.98 -3.47
CA GLY A 99 8.65 21.55 -3.64
C GLY A 99 9.88 20.81 -4.15
N LYS A 100 11.03 21.50 -4.24
CA LYS A 100 12.27 20.94 -4.78
C LYS A 100 13.14 20.18 -3.79
N SER A 101 13.78 19.08 -4.25
CA SER A 101 14.71 18.27 -3.49
C SER A 101 15.97 17.95 -4.30
N THR A 102 17.14 17.88 -3.62
CA THR A 102 18.44 17.57 -4.24
C THR A 102 18.80 16.12 -3.91
N PHE A 103 19.06 15.33 -4.95
CA PHE A 103 19.38 13.92 -4.82
C PHE A 103 20.88 13.64 -4.84
N GLY A 104 21.30 12.67 -4.03
CA GLY A 104 22.66 12.14 -4.04
C GLY A 104 22.76 11.18 -5.21
N ASP A 105 23.98 10.75 -5.58
CA ASP A 105 24.16 9.86 -6.73
C ASP A 105 23.77 8.39 -6.54
N GLY A 106 23.38 8.02 -5.33
CA GLY A 106 22.96 6.67 -4.98
C GLY A 106 24.05 5.69 -4.62
N THR A 107 23.68 4.69 -3.80
CA THR A 107 24.54 3.59 -3.38
C THR A 107 23.79 2.30 -3.68
N THR A 108 24.32 1.46 -4.61
CA THR A 108 23.70 0.17 -4.92
C THR A 108 24.15 -0.88 -3.90
N LEU A 109 23.17 -1.45 -3.17
CA LEU A 109 23.38 -2.45 -2.14
C LEU A 109 22.93 -3.82 -2.61
N THR A 110 23.78 -4.84 -2.42
CA THR A 110 23.46 -6.23 -2.70
C THR A 110 23.61 -6.95 -1.35
N VAL A 111 22.52 -7.60 -0.90
CA VAL A 111 22.52 -8.39 0.33
C VAL A 111 22.54 -9.84 -0.14
N LYS A 112 23.72 -10.52 0.01
CA LYS A 112 23.90 -11.91 -0.41
C LYS A 112 23.16 -12.89 0.49
N PRO A 113 22.28 -13.76 -0.11
CA PRO A 113 21.56 -14.73 0.72
C PRO A 113 22.47 -15.80 1.31
N ASN A 114 22.12 -16.26 2.51
CA ASN A 114 22.83 -17.31 3.20
C ASN A 114 22.54 -18.65 2.50
N ILE A 115 23.60 -19.43 2.17
CA ILE A 115 23.48 -20.73 1.50
C ILE A 115 23.66 -21.82 2.54
N GLN A 116 22.58 -22.59 2.79
CA GLN A 116 22.56 -23.62 3.84
C GLN A 116 23.46 -24.82 3.55
N ASN A 117 23.38 -25.36 2.34
CA ASN A 117 24.19 -26.52 1.95
C ASN A 117 24.99 -26.28 0.65
N PRO A 118 26.14 -25.55 0.73
CA PRO A 118 26.91 -25.32 -0.50
C PRO A 118 27.49 -26.60 -1.12
N ASP A 119 27.61 -26.61 -2.45
CA ASP A 119 28.12 -27.72 -3.25
C ASP A 119 28.81 -27.08 -4.48
N PRO A 120 29.88 -26.25 -4.28
CA PRO A 120 30.50 -25.54 -5.43
C PRO A 120 30.93 -26.44 -6.57
N ALA A 121 30.57 -26.05 -7.82
CA ALA A 121 30.91 -26.79 -9.04
C ALA A 121 30.85 -25.93 -10.27
N VAL A 122 31.60 -26.32 -11.30
CA VAL A 122 31.64 -25.65 -12.61
C VAL A 122 31.24 -26.70 -13.63
N TYR A 123 30.11 -26.47 -14.30
CA TYR A 123 29.55 -27.36 -15.32
C TYR A 123 29.59 -26.78 -16.72
N GLN A 124 29.78 -27.66 -17.70
CA GLN A 124 29.76 -27.29 -19.11
C GLN A 124 28.36 -27.63 -19.64
N LEU A 125 27.68 -26.63 -20.18
CA LEU A 125 26.34 -26.87 -20.71
C LEU A 125 26.44 -27.33 -22.15
N ARG A 126 25.38 -27.93 -22.71
CA ARG A 126 25.37 -28.39 -24.09
C ARG A 126 25.24 -27.18 -25.05
N ASP A 127 25.98 -27.22 -26.18
CA ASP A 127 25.95 -26.16 -27.19
C ASP A 127 24.63 -26.11 -27.95
N LYS A 133 31.11 -20.57 -29.38
CA LYS A 133 29.97 -20.21 -28.52
C LYS A 133 29.71 -21.26 -27.40
N SER A 134 30.63 -21.37 -26.40
CA SER A 134 30.53 -22.34 -25.30
C SER A 134 30.09 -21.73 -23.97
N VAL A 135 29.22 -22.44 -23.19
CA VAL A 135 28.73 -21.94 -21.90
C VAL A 135 29.24 -22.75 -20.68
N CYS A 136 29.78 -22.04 -19.67
CA CYS A 136 30.26 -22.63 -18.40
C CYS A 136 29.46 -22.03 -17.25
N LEU A 137 28.92 -22.89 -16.37
CA LEU A 137 28.13 -22.47 -15.23
C LEU A 137 28.81 -22.81 -13.90
N PHE A 138 29.14 -21.77 -13.14
CA PHE A 138 29.69 -21.92 -11.79
C PHE A 138 28.49 -21.74 -10.88
N THR A 139 28.13 -22.78 -10.12
CA THR A 139 26.94 -22.76 -9.28
C THR A 139 27.16 -23.37 -7.89
N ASP A 140 26.19 -23.14 -6.99
CA ASP A 140 26.07 -23.74 -5.66
C ASP A 140 27.12 -23.35 -4.63
N PHE A 141 27.78 -22.22 -4.86
CA PHE A 141 28.78 -21.68 -3.92
C PHE A 141 28.10 -20.76 -2.89
N ASP A 142 28.65 -20.68 -1.67
CA ASP A 142 28.06 -19.80 -0.65
C ASP A 142 28.31 -18.30 -0.95
N SER A 143 27.69 -17.42 -0.14
CA SER A 143 27.78 -15.96 -0.23
C SER A 143 29.21 -15.38 -0.20
N GLN A 144 30.17 -16.08 0.42
CA GLN A 144 31.56 -15.62 0.57
C GLN A 144 32.39 -15.56 -0.70
N THR A 145 31.94 -16.22 -1.80
CA THR A 145 32.67 -16.26 -3.07
C THR A 145 32.45 -14.97 -3.86
N ASN A 146 33.56 -14.39 -4.36
CA ASN A 146 33.54 -13.22 -5.25
C ASN A 146 33.87 -13.71 -6.66
N VAL A 147 32.97 -13.42 -7.62
CA VAL A 147 33.20 -13.78 -9.02
C VAL A 147 33.85 -12.59 -9.73
N SER A 148 35.07 -12.77 -10.21
CA SER A 148 35.81 -11.72 -10.90
C SER A 148 35.61 -11.85 -12.40
N GLN A 149 35.86 -10.76 -13.13
CA GLN A 149 35.80 -10.71 -14.58
C GLN A 149 37.02 -11.42 -15.15
N SER A 150 36.92 -11.86 -16.42
CA SER A 150 38.02 -12.54 -17.10
C SER A 150 39.16 -11.57 -17.42
N LYS A 151 40.38 -12.11 -17.50
CA LYS A 151 41.56 -11.35 -17.92
C LYS A 151 41.52 -11.26 -19.46
N ASP A 152 40.72 -12.13 -20.09
CA ASP A 152 40.49 -12.21 -21.54
C ASP A 152 39.31 -11.31 -21.96
N SER A 153 39.52 -10.51 -23.01
CA SER A 153 38.54 -9.59 -23.59
C SER A 153 37.39 -10.32 -24.30
N ASP A 154 37.67 -11.50 -24.88
CA ASP A 154 36.71 -12.32 -25.62
C ASP A 154 35.90 -13.30 -24.74
N VAL A 155 36.16 -13.33 -23.41
CA VAL A 155 35.46 -14.18 -22.42
C VAL A 155 34.53 -13.30 -21.59
N TYR A 156 33.20 -13.56 -21.68
CA TYR A 156 32.18 -12.79 -20.96
C TYR A 156 31.75 -13.55 -19.72
N ILE A 157 31.67 -12.83 -18.58
CA ILE A 157 31.28 -13.39 -17.27
C ILE A 157 30.26 -12.50 -16.60
N THR A 158 29.15 -13.09 -16.16
CA THR A 158 28.13 -12.36 -15.45
C THR A 158 28.13 -12.83 -14.03
N ASP A 159 28.33 -11.83 -13.15
CA ASP A 159 28.41 -11.90 -11.70
C ASP A 159 27.37 -12.84 -11.09
N LYS A 160 27.64 -13.34 -9.87
CA LYS A 160 26.75 -14.26 -9.17
C LYS A 160 25.32 -13.75 -9.08
N CYS A 161 24.37 -14.66 -9.40
CA CYS A 161 22.93 -14.46 -9.47
C CYS A 161 22.29 -15.51 -8.53
N VAL A 162 21.29 -15.13 -7.71
CA VAL A 162 20.59 -16.07 -6.83
C VAL A 162 19.17 -16.45 -7.29
N LEU A 163 18.97 -17.73 -7.65
CA LEU A 163 17.64 -18.24 -8.01
C LEU A 163 17.03 -18.97 -6.83
N ASP A 164 15.71 -18.89 -6.72
CA ASP A 164 14.96 -19.47 -5.63
C ASP A 164 13.94 -20.49 -6.11
N MET A 165 14.19 -21.75 -5.76
CA MET A 165 13.27 -22.87 -6.05
C MET A 165 12.38 -23.04 -4.81
N ARG A 166 11.32 -22.19 -4.74
CA ARG A 166 10.35 -22.03 -3.66
C ARG A 166 9.79 -23.31 -3.03
N SER A 167 9.09 -24.14 -3.84
CA SER A 167 8.44 -25.41 -3.44
C SER A 167 9.40 -26.42 -2.80
N MET A 168 10.70 -26.25 -3.06
CA MET A 168 11.80 -27.09 -2.59
C MET A 168 12.51 -26.48 -1.38
N ASP A 169 12.25 -25.16 -1.09
CA ASP A 169 12.88 -24.33 -0.04
C ASP A 169 14.41 -24.32 -0.24
N PHE A 170 14.82 -24.06 -1.50
CA PHE A 170 16.21 -24.08 -1.97
C PHE A 170 16.55 -22.82 -2.74
N LYS A 171 17.74 -22.28 -2.46
CA LYS A 171 18.32 -21.12 -3.11
C LYS A 171 19.70 -21.50 -3.66
N SER A 172 20.13 -20.86 -4.75
CA SER A 172 21.45 -21.13 -5.33
C SER A 172 22.05 -19.97 -6.09
N ASN A 173 23.36 -19.77 -5.89
CA ASN A 173 24.19 -18.81 -6.60
C ASN A 173 24.69 -19.39 -7.91
N SER A 174 24.79 -18.54 -8.94
CA SER A 174 25.35 -18.93 -10.24
C SER A 174 25.97 -17.78 -11.02
N ALA A 175 27.10 -18.08 -11.65
CA ALA A 175 27.78 -17.16 -12.54
C ALA A 175 27.89 -17.88 -13.89
N VAL A 176 27.65 -17.16 -14.95
CA VAL A 176 27.73 -17.71 -16.30
C VAL A 176 28.96 -17.15 -17.03
N ALA A 177 29.71 -18.04 -17.67
CA ALA A 177 30.87 -17.69 -18.49
C ALA A 177 30.70 -18.20 -19.94
N TRP A 178 30.94 -17.32 -20.93
CA TRP A 178 30.82 -17.69 -22.34
C TRP A 178 31.84 -17.00 -23.24
N SER A 179 32.22 -17.70 -24.33
CA SER A 179 33.20 -17.24 -25.29
C SER A 179 33.13 -18.05 -26.59
N ASN A 180 33.45 -17.43 -27.73
CA ASN A 180 33.52 -18.13 -29.00
C ASN A 180 35.01 -18.50 -29.29
N LYS A 181 35.93 -18.05 -28.39
CA LYS A 181 37.39 -18.25 -28.46
C LYS A 181 37.81 -19.72 -28.44
N SER A 182 38.85 -20.04 -29.25
CA SER A 182 39.44 -21.37 -29.48
C SER A 182 39.71 -22.21 -28.23
N ASP A 183 40.63 -21.76 -27.36
CA ASP A 183 40.99 -22.53 -26.18
C ASP A 183 40.31 -22.16 -24.84
N PHE A 184 39.01 -21.79 -24.92
CA PHE A 184 38.21 -21.52 -23.73
C PHE A 184 37.61 -22.84 -23.25
N ALA A 185 37.79 -23.15 -21.97
CA ALA A 185 37.29 -24.38 -21.34
C ALA A 185 36.85 -24.07 -19.92
N CYS A 186 35.94 -24.88 -19.38
CA CYS A 186 35.42 -24.66 -18.03
C CYS A 186 36.43 -24.82 -16.90
N ALA A 187 37.53 -25.58 -17.11
CA ALA A 187 38.62 -25.72 -16.14
C ALA A 187 39.39 -24.39 -15.98
N ASN A 188 39.39 -23.52 -17.01
CA ASN A 188 40.07 -22.21 -16.95
C ASN A 188 39.11 -20.99 -16.91
N ALA A 189 37.79 -21.20 -17.19
CA ALA A 189 36.78 -20.12 -17.25
C ALA A 189 36.82 -19.12 -16.06
N PHE A 190 36.97 -19.61 -14.83
CA PHE A 190 36.96 -18.76 -13.62
C PHE A 190 38.32 -18.62 -12.93
N ASN A 191 39.42 -18.71 -13.71
CA ASN A 191 40.80 -18.61 -13.19
C ASN A 191 41.13 -17.27 -12.52
N ASN A 192 40.48 -16.17 -12.95
CA ASN A 192 40.72 -14.85 -12.36
C ASN A 192 39.94 -14.66 -11.03
N SER A 193 39.12 -15.66 -10.64
CA SER A 193 38.36 -15.64 -9.40
C SER A 193 39.00 -16.52 -8.33
N ILE A 194 38.78 -16.17 -7.05
CA ILE A 194 39.21 -16.98 -5.92
C ILE A 194 37.97 -17.84 -5.61
N ILE A 195 38.00 -19.10 -6.08
CA ILE A 195 36.88 -20.04 -5.93
C ILE A 195 37.16 -21.04 -4.78
N PRO A 196 36.15 -21.72 -4.17
CA PRO A 196 36.46 -22.68 -3.08
C PRO A 196 37.38 -23.82 -3.54
N GLU A 197 38.26 -24.30 -2.63
CA GLU A 197 39.23 -25.36 -2.93
C GLU A 197 38.58 -26.69 -3.33
N ASP A 198 37.39 -26.97 -2.77
CA ASP A 198 36.59 -28.16 -3.00
C ASP A 198 35.60 -28.03 -4.19
N THR A 199 35.78 -27.03 -5.09
CA THR A 199 34.93 -26.86 -6.28
C THR A 199 35.06 -28.11 -7.14
N PHE A 200 33.90 -28.71 -7.46
CA PHE A 200 33.79 -29.92 -8.27
C PHE A 200 33.92 -29.60 -9.76
N PHE A 201 34.88 -30.26 -10.44
CA PHE A 201 35.11 -30.07 -11.88
C PHE A 201 34.88 -31.42 -12.61
N PRO A 202 33.61 -31.79 -12.91
CA PRO A 202 33.36 -33.07 -13.62
C PRO A 202 33.93 -33.09 -15.04
N SER A 203 34.19 -34.31 -15.56
CA SER A 203 34.73 -34.58 -16.89
C SER A 203 33.86 -34.02 -18.01
N ASN B 1 -5.57 0.76 -7.56
CA ASN B 1 -4.66 1.58 -6.74
C ASN B 1 -4.12 2.73 -7.58
N ALA B 2 -4.26 3.97 -7.06
CA ALA B 2 -3.82 5.19 -7.73
C ALA B 2 -2.30 5.38 -7.65
N GLY B 3 -1.72 5.81 -8.77
CA GLY B 3 -0.30 6.09 -8.92
C GLY B 3 0.05 7.04 -10.06
N VAL B 4 1.35 7.19 -10.32
CA VAL B 4 1.92 8.03 -11.40
C VAL B 4 2.24 7.10 -12.60
N THR B 5 1.74 7.44 -13.80
CA THR B 5 2.04 6.61 -14.99
C THR B 5 2.70 7.43 -16.12
N GLN B 6 3.59 6.80 -16.89
CA GLN B 6 4.35 7.44 -17.96
C GLN B 6 4.18 6.70 -19.25
N THR B 7 4.07 7.46 -20.36
CA THR B 7 4.02 6.89 -21.71
C THR B 7 4.93 7.73 -22.63
N PRO B 8 5.72 7.12 -23.56
CA PRO B 8 5.91 5.68 -23.75
C PRO B 8 6.86 5.13 -22.67
N LYS B 9 7.15 3.83 -22.70
CA LYS B 9 8.07 3.24 -21.73
C LYS B 9 9.48 3.16 -22.31
N PHE B 10 9.58 3.10 -23.65
CA PHE B 10 10.85 2.97 -24.39
C PHE B 10 10.78 3.72 -25.70
N ARG B 11 11.92 4.29 -26.14
CA ARG B 11 12.00 4.99 -27.41
C ARG B 11 13.42 5.08 -27.91
N VAL B 12 13.60 4.81 -29.21
CA VAL B 12 14.87 5.02 -29.91
C VAL B 12 14.61 6.17 -30.90
N LEU B 13 15.44 7.22 -30.84
CA LEU B 13 15.35 8.40 -31.71
C LEU B 13 16.65 8.63 -32.46
N LYS B 14 16.55 9.09 -33.71
CA LYS B 14 17.72 9.52 -34.47
C LYS B 14 18.00 10.97 -34.03
N THR B 15 19.27 11.42 -34.08
CA THR B 15 19.67 12.79 -33.76
C THR B 15 18.81 13.77 -34.61
N GLY B 16 18.27 14.80 -33.95
CA GLY B 16 17.45 15.82 -34.58
C GLY B 16 15.97 15.52 -34.59
N GLN B 17 15.56 14.31 -34.22
CA GLN B 17 14.14 13.96 -34.18
C GLN B 17 13.44 14.49 -32.92
N SER B 18 12.10 14.57 -32.94
CA SER B 18 11.33 15.06 -31.79
C SER B 18 10.48 13.97 -31.13
N MET B 19 10.14 14.17 -29.84
CA MET B 19 9.21 13.30 -29.11
C MET B 19 8.55 14.00 -27.93
N THR B 20 7.41 13.46 -27.52
CA THR B 20 6.67 13.91 -26.34
C THR B 20 6.53 12.75 -25.37
N LEU B 21 6.84 12.99 -24.09
CA LEU B 21 6.65 12.04 -22.99
C LEU B 21 5.44 12.54 -22.23
N LEU B 22 4.54 11.64 -21.85
CA LEU B 22 3.35 12.02 -21.12
C LEU B 22 3.34 11.45 -19.71
N CYS B 23 3.13 12.32 -18.71
CA CYS B 23 2.97 11.87 -17.34
C CYS B 23 1.52 12.05 -16.92
N ALA B 24 0.94 11.07 -16.19
CA ALA B 24 -0.45 11.16 -15.67
C ALA B 24 -0.54 10.72 -14.21
N GLN B 25 -1.38 11.42 -13.43
CA GLN B 25 -1.70 11.05 -12.06
C GLN B 25 -3.14 11.43 -11.71
N ASP B 26 -3.86 10.51 -11.03
CA ASP B 26 -5.24 10.72 -10.62
C ASP B 26 -5.32 10.84 -9.10
N MET B 27 -4.26 11.39 -8.50
CA MET B 27 -4.19 11.57 -7.03
C MET B 27 -4.54 12.99 -6.60
N ASN B 28 -4.87 13.88 -7.57
CA ASN B 28 -5.20 15.29 -7.32
C ASN B 28 -3.99 16.06 -6.74
N HIS B 29 -2.78 15.62 -7.09
CA HIS B 29 -1.53 16.25 -6.65
C HIS B 29 -1.31 17.57 -7.41
N GLU B 30 -0.94 18.65 -6.69
CA GLU B 30 -0.66 19.97 -7.26
C GLU B 30 0.71 20.02 -7.96
N TYR B 31 1.75 19.43 -7.32
CA TYR B 31 3.13 19.40 -7.80
C TYR B 31 3.41 18.22 -8.71
N MET B 32 4.04 18.50 -9.87
CA MET B 32 4.47 17.51 -10.87
C MET B 32 5.92 17.85 -11.31
N TYR B 33 6.76 16.85 -11.58
CA TYR B 33 8.19 17.01 -11.90
C TYR B 33 8.63 16.06 -13.01
N TRP B 34 9.62 16.46 -13.79
CA TRP B 34 10.28 15.62 -14.79
C TRP B 34 11.77 15.60 -14.44
N TYR B 35 12.32 14.39 -14.18
CA TYR B 35 13.72 14.15 -13.83
C TYR B 35 14.34 13.26 -14.88
N ARG B 36 15.68 13.25 -14.93
CA ARG B 36 16.43 12.30 -15.74
C ARG B 36 17.44 11.65 -14.79
N GLN B 37 17.76 10.37 -15.01
CA GLN B 37 18.71 9.60 -14.22
C GLN B 37 19.64 8.84 -15.18
N ASP B 38 20.95 9.13 -15.08
CA ASP B 38 21.98 8.47 -15.87
C ASP B 38 22.43 7.16 -15.16
N PRO B 39 23.02 6.15 -15.89
CA PRO B 39 23.40 4.88 -15.21
C PRO B 39 24.31 5.09 -14.00
N GLY B 40 23.90 4.48 -12.88
CA GLY B 40 24.58 4.54 -11.59
C GLY B 40 24.70 5.93 -11.00
N MET B 41 23.75 6.83 -11.32
CA MET B 41 23.75 8.23 -10.86
C MET B 41 22.39 8.63 -10.22
N GLY B 42 22.31 9.89 -9.75
CA GLY B 42 21.11 10.40 -9.10
C GLY B 42 20.12 11.04 -10.06
N LEU B 43 18.98 11.48 -9.52
CA LEU B 43 17.94 12.13 -10.31
C LEU B 43 18.22 13.62 -10.38
N ARG B 44 18.16 14.18 -11.59
CA ARG B 44 18.38 15.61 -11.84
C ARG B 44 17.07 16.20 -12.35
N LEU B 45 16.59 17.29 -11.71
CA LEU B 45 15.34 17.94 -12.10
C LEU B 45 15.50 18.73 -13.41
N ILE B 46 14.63 18.44 -14.39
CA ILE B 46 14.65 19.12 -15.70
C ILE B 46 13.74 20.37 -15.59
N HIS B 47 12.45 20.14 -15.32
CA HIS B 47 11.43 21.16 -15.20
C HIS B 47 10.41 20.64 -14.20
N TYR B 48 9.64 21.55 -13.59
CA TYR B 48 8.55 21.15 -12.69
C TYR B 48 7.36 22.09 -12.85
N SER B 49 6.28 21.79 -12.12
CA SER B 49 5.04 22.57 -12.20
C SER B 49 4.32 22.59 -10.85
N VAL B 50 3.91 23.78 -10.38
CA VAL B 50 3.21 23.97 -9.09
C VAL B 50 1.66 23.85 -9.23
N GLY B 51 1.15 23.86 -10.47
CA GLY B 51 -0.27 23.81 -10.77
C GLY B 51 -0.56 23.97 -12.26
N GLU B 52 -1.82 23.69 -12.67
CA GLU B 52 -2.23 23.77 -14.08
C GLU B 52 -1.91 25.09 -14.80
N GLY B 53 -1.44 24.99 -16.04
CA GLY B 53 -1.08 26.12 -16.89
C GLY B 53 0.18 26.91 -16.54
N THR B 54 0.99 26.43 -15.56
CA THR B 54 2.24 27.08 -15.16
C THR B 54 3.36 26.05 -15.02
N THR B 55 4.58 26.41 -15.45
CA THR B 55 5.76 25.53 -15.33
C THR B 55 6.97 26.35 -14.90
N ALA B 56 8.02 25.69 -14.40
CA ALA B 56 9.25 26.35 -13.98
C ALA B 56 10.47 25.48 -14.28
N LYS B 57 11.62 26.11 -14.53
CA LYS B 57 12.88 25.43 -14.81
C LYS B 57 13.46 24.71 -13.58
N GLY B 58 14.09 23.56 -13.83
CA GLY B 58 14.78 22.79 -12.80
C GLY B 58 16.27 23.06 -12.90
N GLU B 59 17.08 22.04 -12.56
CA GLU B 59 18.54 22.13 -12.59
C GLU B 59 19.10 22.00 -14.01
N VAL B 60 18.49 21.13 -14.85
CA VAL B 60 18.98 20.86 -16.20
C VAL B 60 17.89 21.09 -17.29
N PRO B 61 17.33 22.31 -17.45
CA PRO B 61 16.23 22.49 -18.42
C PRO B 61 16.58 22.60 -19.91
N ASP B 62 17.83 22.92 -20.27
CA ASP B 62 18.23 23.15 -21.65
C ASP B 62 17.97 21.96 -22.58
N GLY B 63 17.33 22.23 -23.72
CA GLY B 63 16.98 21.23 -24.72
C GLY B 63 15.66 20.52 -24.47
N TYR B 64 14.91 20.98 -23.46
CA TYR B 64 13.61 20.40 -23.10
C TYR B 64 12.55 21.49 -22.94
N ASN B 65 11.29 21.15 -23.19
CA ASN B 65 10.15 22.03 -22.93
C ASN B 65 9.10 21.20 -22.20
N VAL B 66 8.18 21.88 -21.48
CA VAL B 66 7.08 21.26 -20.73
C VAL B 66 5.76 22.01 -20.90
N SER B 67 4.62 21.30 -20.69
CA SER B 67 3.25 21.85 -20.68
C SER B 67 2.49 21.15 -19.56
N ARG B 68 1.87 21.94 -18.68
CA ARG B 68 1.00 21.39 -17.65
C ARG B 68 -0.42 21.72 -18.15
N LEU B 69 -0.90 20.92 -19.12
CA LEU B 69 -2.20 21.14 -19.76
C LEU B 69 -3.40 21.14 -18.82
N LYS B 70 -3.40 20.22 -17.85
CA LYS B 70 -4.41 20.12 -16.80
C LYS B 70 -3.72 19.55 -15.57
N LYS B 71 -4.40 19.57 -14.40
CA LYS B 71 -3.82 19.06 -13.14
C LYS B 71 -3.22 17.61 -13.24
N GLN B 72 -3.92 16.72 -13.97
CA GLN B 72 -3.54 15.31 -14.13
C GLN B 72 -2.34 15.07 -15.01
N ASN B 73 -2.08 15.93 -16.02
CA ASN B 73 -1.03 15.69 -17.02
C ASN B 73 0.12 16.68 -17.08
N PHE B 74 1.35 16.16 -17.22
CA PHE B 74 2.56 16.95 -17.35
C PHE B 74 3.35 16.38 -18.54
N LEU B 75 3.49 17.17 -19.62
CA LEU B 75 4.14 16.76 -20.87
C LEU B 75 5.57 17.25 -20.94
N LEU B 76 6.50 16.37 -21.36
CA LEU B 76 7.91 16.69 -21.57
C LEU B 76 8.19 16.58 -23.08
N GLY B 77 8.68 17.66 -23.69
CA GLY B 77 9.00 17.72 -25.11
C GLY B 77 10.48 17.84 -25.42
N LEU B 78 10.92 17.10 -26.45
CA LEU B 78 12.29 17.11 -26.98
C LEU B 78 12.11 17.56 -28.42
N GLU B 79 12.62 18.74 -28.78
CA GLU B 79 12.44 19.29 -30.14
C GLU B 79 13.44 18.89 -31.18
N SER B 80 14.65 18.49 -30.76
CA SER B 80 15.76 18.12 -31.63
C SER B 80 16.69 17.22 -30.82
N ALA B 81 16.39 15.90 -30.82
CA ALA B 81 17.11 14.89 -30.04
C ALA B 81 18.64 14.94 -30.20
N ALA B 82 19.34 14.95 -29.06
CA ALA B 82 20.81 14.97 -29.01
C ALA B 82 21.31 13.74 -28.25
N PRO B 83 22.49 13.15 -28.61
CA PRO B 83 23.00 11.97 -27.88
C PRO B 83 23.09 12.14 -26.35
N SER B 84 23.35 13.36 -25.85
CA SER B 84 23.42 13.66 -24.41
C SER B 84 22.07 13.46 -23.70
N GLN B 85 20.99 13.34 -24.49
CA GLN B 85 19.63 13.12 -23.97
C GLN B 85 19.30 11.63 -23.75
N THR B 86 20.25 10.72 -24.08
CA THR B 86 20.10 9.29 -23.82
C THR B 86 20.05 9.17 -22.30
N SER B 87 18.92 8.73 -21.75
CA SER B 87 18.74 8.66 -20.29
C SER B 87 17.48 7.88 -19.93
N VAL B 88 17.22 7.75 -18.62
CA VAL B 88 15.99 7.19 -18.09
C VAL B 88 15.25 8.38 -17.46
N TYR B 89 14.04 8.64 -17.92
CA TYR B 89 13.24 9.79 -17.47
C TYR B 89 12.17 9.36 -16.49
N PHE B 90 12.06 10.10 -15.39
CA PHE B 90 11.09 9.79 -14.34
C PHE B 90 10.18 10.96 -14.04
N CYS B 91 8.86 10.70 -14.04
CA CYS B 91 7.92 11.71 -13.62
C CYS B 91 7.65 11.50 -12.13
N ALA B 92 7.34 12.58 -11.41
CA ALA B 92 7.01 12.52 -9.98
C ALA B 92 5.88 13.50 -9.63
N SER B 93 5.18 13.27 -8.52
CA SER B 93 4.10 14.14 -8.07
C SER B 93 3.92 14.06 -6.56
N ARG B 94 3.34 15.11 -5.98
CA ARG B 94 3.00 15.23 -4.56
C ARG B 94 2.01 16.37 -4.33
N TYR B 95 1.32 16.34 -3.16
CA TYR B 95 0.37 17.38 -2.77
C TYR B 95 1.14 18.67 -2.42
N PHE B 96 0.48 19.82 -2.59
CA PHE B 96 1.04 21.11 -2.17
C PHE B 96 1.24 21.10 -0.63
N LEU B 97 0.25 20.57 0.11
CA LEU B 97 0.28 20.42 1.58
C LEU B 97 0.61 18.92 1.82
N PRO B 98 1.88 18.57 2.06
CA PRO B 98 2.27 17.14 2.12
C PRO B 98 1.63 16.20 3.14
N THR B 99 1.59 14.91 2.76
CA THR B 99 1.08 13.79 3.56
C THR B 99 2.24 12.82 3.89
N GLN B 100 3.33 12.87 3.10
CA GLN B 100 4.50 11.99 3.24
C GLN B 100 5.84 12.77 3.47
N GLY B 101 5.77 13.78 4.32
CA GLY B 101 6.88 14.64 4.74
C GLY B 101 7.92 15.05 3.70
N MET B 102 7.45 15.65 2.58
CA MET B 102 8.23 16.17 1.43
C MET B 102 8.54 15.13 0.34
N GLY B 103 8.30 13.85 0.63
CA GLY B 103 8.50 12.74 -0.28
C GLY B 103 7.50 12.72 -1.42
N ALA B 104 7.95 12.38 -2.63
CA ALA B 104 7.10 12.33 -3.83
C ALA B 104 6.85 10.89 -4.33
N PHE B 105 5.78 10.72 -5.13
CA PHE B 105 5.41 9.48 -5.79
C PHE B 105 6.04 9.54 -7.17
N PHE B 106 6.68 8.47 -7.60
CA PHE B 106 7.38 8.40 -8.86
C PHE B 106 6.74 7.44 -9.83
N GLY B 107 6.90 7.74 -11.12
CA GLY B 107 6.51 6.85 -12.21
C GLY B 107 7.58 5.78 -12.37
N GLN B 108 7.34 4.82 -13.26
CA GLN B 108 8.25 3.69 -13.45
C GLN B 108 9.42 3.88 -14.43
N GLY B 109 9.46 5.02 -15.11
CA GLY B 109 10.55 5.36 -16.02
C GLY B 109 10.30 5.19 -17.51
N THR B 110 10.95 6.04 -18.31
CA THR B 110 10.93 5.99 -19.78
C THR B 110 12.39 5.93 -20.21
N ARG B 111 12.79 4.84 -20.89
CA ARG B 111 14.17 4.68 -21.39
C ARG B 111 14.25 5.25 -22.78
N LEU B 112 15.08 6.27 -22.93
CA LEU B 112 15.30 6.90 -24.23
C LEU B 112 16.77 6.75 -24.65
N THR B 113 17.02 6.27 -25.88
CA THR B 113 18.34 6.22 -26.51
C THR B 113 18.30 7.04 -27.78
N VAL B 114 19.20 8.03 -27.88
CA VAL B 114 19.37 8.87 -29.06
C VAL B 114 20.61 8.35 -29.84
N VAL B 115 20.36 7.74 -31.02
CA VAL B 115 21.38 7.09 -31.85
C VAL B 115 21.83 7.97 -33.03
N GLU B 116 23.10 7.88 -33.42
CA GLU B 116 23.71 8.70 -34.49
C GLU B 116 23.64 8.07 -35.90
N ASP B 117 23.38 6.77 -35.97
CA ASP B 117 23.28 5.98 -37.19
C ASP B 117 22.25 4.89 -36.87
N LEU B 118 21.01 4.95 -37.45
CA LEU B 118 20.00 3.91 -37.19
C LEU B 118 20.52 2.51 -37.62
N ASN B 119 21.58 2.46 -38.49
CA ASN B 119 22.27 1.24 -38.97
C ASN B 119 23.06 0.52 -37.84
N LYS B 120 23.22 1.17 -36.67
CA LYS B 120 23.85 0.56 -35.51
C LYS B 120 22.81 -0.21 -34.61
N VAL B 121 21.46 0.00 -34.87
CA VAL B 121 20.38 -0.67 -34.13
C VAL B 121 20.30 -2.13 -34.58
N PHE B 122 20.40 -3.05 -33.63
CA PHE B 122 20.34 -4.49 -33.90
C PHE B 122 19.43 -5.21 -32.89
N PRO B 123 18.58 -6.14 -33.33
CA PRO B 123 17.78 -6.91 -32.37
C PRO B 123 18.65 -7.99 -31.70
N PRO B 124 18.23 -8.61 -30.58
CA PRO B 124 19.06 -9.66 -29.99
C PRO B 124 18.98 -10.98 -30.75
N GLU B 125 20.07 -11.78 -30.64
CA GLU B 125 20.14 -13.17 -31.09
C GLU B 125 19.98 -13.87 -29.77
N VAL B 126 19.12 -14.89 -29.72
CA VAL B 126 18.76 -15.62 -28.50
C VAL B 126 19.09 -17.10 -28.66
N ALA B 127 19.79 -17.65 -27.68
CA ALA B 127 20.15 -19.07 -27.67
C ALA B 127 19.92 -19.67 -26.27
N VAL B 128 19.44 -20.92 -26.25
CA VAL B 128 19.22 -21.72 -25.05
C VAL B 128 20.26 -22.83 -25.00
N PHE B 129 20.89 -22.98 -23.82
CA PHE B 129 21.91 -23.98 -23.57
C PHE B 129 21.34 -24.97 -22.60
N GLU B 130 21.26 -26.23 -23.02
CA GLU B 130 20.70 -27.34 -22.25
C GLU B 130 21.48 -27.78 -21.00
N PRO B 131 20.79 -28.35 -19.97
CA PRO B 131 21.49 -28.75 -18.73
C PRO B 131 22.61 -29.79 -18.90
N SER B 132 23.61 -29.65 -18.06
CA SER B 132 24.78 -30.53 -17.95
C SER B 132 24.32 -31.84 -17.32
N GLU B 133 24.76 -32.98 -17.89
CA GLU B 133 24.45 -34.32 -17.39
C GLU B 133 25.11 -34.54 -16.04
N ALA B 134 26.30 -33.93 -15.85
CA ALA B 134 27.04 -34.04 -14.61
C ALA B 134 26.30 -33.29 -13.48
N GLU B 135 25.68 -32.11 -13.80
CA GLU B 135 24.87 -31.37 -12.82
C GLU B 135 23.70 -32.26 -12.36
N ILE B 136 22.96 -32.86 -13.33
CA ILE B 136 21.83 -33.78 -13.09
C ILE B 136 22.22 -34.94 -12.14
N SER B 137 23.34 -35.60 -12.43
CA SER B 137 23.88 -36.72 -11.66
C SER B 137 24.40 -36.28 -10.26
N HIS B 138 25.05 -35.12 -10.18
CA HIS B 138 25.59 -34.61 -8.91
C HIS B 138 24.54 -34.00 -7.97
N THR B 139 23.52 -33.29 -8.51
CA THR B 139 22.53 -32.56 -7.69
C THR B 139 21.06 -32.99 -7.77
N GLN B 140 20.65 -33.72 -8.82
CA GLN B 140 19.25 -34.09 -9.11
C GLN B 140 18.46 -32.84 -9.56
N LYS B 141 19.21 -31.82 -10.03
CA LYS B 141 18.68 -30.53 -10.52
C LYS B 141 19.23 -30.28 -11.92
N ALA B 142 18.55 -29.43 -12.69
CA ALA B 142 18.95 -29.13 -14.06
C ALA B 142 18.79 -27.64 -14.38
N THR B 143 19.91 -26.98 -14.70
CA THR B 143 19.91 -25.54 -15.05
C THR B 143 20.05 -25.32 -16.58
N LEU B 144 19.08 -24.57 -17.14
CA LEU B 144 19.11 -24.13 -18.53
C LEU B 144 19.64 -22.70 -18.48
N VAL B 145 20.41 -22.31 -19.51
CA VAL B 145 20.94 -20.96 -19.61
C VAL B 145 20.43 -20.30 -20.90
N CYS B 146 19.99 -19.05 -20.82
CA CYS B 146 19.60 -18.27 -21.98
C CYS B 146 20.58 -17.11 -22.18
N LEU B 147 21.11 -16.97 -23.40
CA LEU B 147 21.98 -15.84 -23.72
C LEU B 147 21.30 -15.01 -24.81
N ALA B 148 21.17 -13.71 -24.58
CA ALA B 148 20.64 -12.75 -25.57
C ALA B 148 21.87 -11.91 -25.92
N THR B 149 22.26 -11.90 -27.22
CA THR B 149 23.50 -11.23 -27.63
C THR B 149 23.34 -10.27 -28.84
N GLY B 150 24.32 -9.37 -28.98
CA GLY B 150 24.45 -8.42 -30.09
C GLY B 150 23.34 -7.40 -30.28
N PHE B 151 22.60 -7.07 -29.22
CA PHE B 151 21.53 -6.08 -29.35
C PHE B 151 22.00 -4.66 -29.05
N TYR B 152 21.34 -3.70 -29.70
CA TYR B 152 21.55 -2.25 -29.53
C TYR B 152 20.27 -1.50 -29.95
N PRO B 153 19.68 -0.64 -29.09
CA PRO B 153 20.10 -0.29 -27.71
C PRO B 153 19.79 -1.40 -26.70
N ASP B 154 20.14 -1.16 -25.44
CA ASP B 154 19.90 -2.11 -24.36
C ASP B 154 18.43 -2.06 -23.84
N HIS B 155 17.44 -1.97 -24.75
CA HIS B 155 16.01 -1.93 -24.39
C HIS B 155 15.39 -3.33 -24.52
N VAL B 156 15.62 -4.20 -23.54
CA VAL B 156 15.17 -5.61 -23.54
C VAL B 156 14.53 -6.06 -22.21
N GLU B 157 13.59 -7.04 -22.29
CA GLU B 157 12.93 -7.70 -21.16
C GLU B 157 12.94 -9.22 -21.47
N LEU B 158 13.65 -10.00 -20.66
CA LEU B 158 13.77 -11.46 -20.82
C LEU B 158 12.78 -12.21 -19.92
N SER B 159 12.13 -13.26 -20.47
CA SER B 159 11.21 -14.11 -19.69
C SER B 159 11.36 -15.57 -20.07
N TRP B 160 11.00 -16.48 -19.15
CA TRP B 160 11.02 -17.92 -19.38
C TRP B 160 9.60 -18.41 -19.41
N TRP B 161 9.31 -19.33 -20.33
CA TRP B 161 7.99 -19.91 -20.51
C TRP B 161 8.09 -21.42 -20.52
N VAL B 162 7.37 -22.07 -19.57
CA VAL B 162 7.33 -23.52 -19.43
C VAL B 162 5.95 -24.02 -19.78
N ASN B 163 5.86 -24.87 -20.82
CA ASN B 163 4.59 -25.41 -21.33
C ASN B 163 3.57 -24.28 -21.62
N GLY B 164 4.08 -23.20 -22.20
CA GLY B 164 3.28 -22.03 -22.58
C GLY B 164 2.93 -21.07 -21.47
N LYS B 165 3.41 -21.29 -20.23
CA LYS B 165 3.14 -20.38 -19.10
C LYS B 165 4.41 -19.74 -18.56
N GLU B 166 4.35 -18.39 -18.33
CA GLU B 166 5.51 -17.69 -17.78
C GLU B 166 5.83 -18.15 -16.35
N VAL B 167 7.10 -18.46 -16.09
CA VAL B 167 7.57 -18.90 -14.77
C VAL B 167 8.48 -17.83 -14.14
N HIS B 168 8.44 -17.78 -12.80
CA HIS B 168 9.24 -16.86 -11.99
C HIS B 168 10.09 -17.65 -11.03
N SER B 169 9.56 -18.77 -10.51
CA SER B 169 10.26 -19.67 -9.59
C SER B 169 11.44 -20.36 -10.32
N GLY B 170 12.61 -20.40 -9.68
CA GLY B 170 13.83 -20.97 -10.22
C GLY B 170 14.55 -20.12 -11.26
N VAL B 171 14.10 -18.87 -11.45
CA VAL B 171 14.62 -17.95 -12.46
C VAL B 171 15.58 -16.90 -11.82
N CYS B 172 16.72 -16.69 -12.48
CA CYS B 172 17.66 -15.65 -12.11
C CYS B 172 18.20 -14.99 -13.37
N THR B 173 17.92 -13.68 -13.54
CA THR B 173 18.36 -12.89 -14.70
C THR B 173 19.27 -11.75 -14.22
N ASP B 174 20.35 -11.46 -14.96
CA ASP B 174 21.26 -10.34 -14.65
C ASP B 174 20.47 -9.05 -14.51
N PRO B 175 20.77 -8.21 -13.48
CA PRO B 175 20.00 -6.96 -13.32
C PRO B 175 20.13 -5.99 -14.48
N GLN B 176 21.27 -6.02 -15.19
CA GLN B 176 21.53 -5.12 -16.32
C GLN B 176 22.24 -5.86 -17.45
N PRO B 177 22.01 -5.49 -18.74
CA PRO B 177 22.84 -6.07 -19.82
C PRO B 177 24.29 -5.56 -19.72
N LEU B 178 25.26 -6.30 -20.28
CA LEU B 178 26.67 -5.88 -20.29
C LEU B 178 27.08 -5.39 -21.69
N LYS B 179 28.16 -4.59 -21.79
CA LYS B 179 28.69 -4.13 -23.06
C LYS B 179 29.60 -5.22 -23.63
N GLU B 180 29.37 -5.64 -24.89
CA GLU B 180 30.23 -6.66 -25.52
C GLU B 180 31.62 -6.14 -25.83
N GLN B 181 31.71 -4.83 -26.13
CA GLN B 181 32.99 -4.16 -26.40
C GLN B 181 33.05 -2.90 -25.53
N PRO B 182 33.47 -3.01 -24.24
CA PRO B 182 33.51 -1.84 -23.34
C PRO B 182 34.26 -0.58 -23.83
N ALA B 183 35.25 -0.72 -24.74
CA ALA B 183 36.01 0.42 -25.28
C ALA B 183 35.21 1.28 -26.29
N LEU B 184 34.09 0.76 -26.81
CA LEU B 184 33.23 1.48 -27.78
C LEU B 184 32.00 2.08 -27.11
N ASN B 185 31.73 3.38 -27.40
CA ASN B 185 30.61 4.16 -26.87
C ASN B 185 29.24 3.63 -27.27
N ASP B 186 29.14 3.07 -28.49
CA ASP B 186 27.89 2.50 -29.01
C ASP B 186 27.98 0.96 -29.16
N SER B 187 28.75 0.32 -28.26
CA SER B 187 28.90 -1.14 -28.19
C SER B 187 27.54 -1.83 -28.15
N ARG B 188 27.46 -3.05 -28.74
CA ARG B 188 26.27 -3.89 -28.66
C ARG B 188 26.27 -4.57 -27.27
N TYR B 189 25.10 -5.05 -26.83
CA TYR B 189 24.93 -5.61 -25.49
C TYR B 189 24.59 -7.10 -25.47
N ALA B 190 24.83 -7.71 -24.29
CA ALA B 190 24.53 -9.10 -24.00
C ALA B 190 23.83 -9.19 -22.63
N LEU B 191 22.96 -10.20 -22.47
CA LEU B 191 22.21 -10.46 -21.22
C LEU B 191 22.10 -11.98 -21.02
N SER B 192 22.34 -12.44 -19.78
CA SER B 192 22.20 -13.85 -19.46
C SER B 192 21.10 -14.09 -18.42
N SER B 193 20.58 -15.32 -18.40
CA SER B 193 19.54 -15.76 -17.48
C SER B 193 19.65 -17.25 -17.28
N ARG B 194 19.23 -17.71 -16.09
CA ARG B 194 19.22 -19.13 -15.73
C ARG B 194 17.82 -19.54 -15.29
N LEU B 195 17.42 -20.77 -15.67
CA LEU B 195 16.19 -21.42 -15.23
C LEU B 195 16.59 -22.75 -14.64
N ARG B 196 16.28 -22.97 -13.35
CA ARG B 196 16.61 -24.25 -12.71
C ARG B 196 15.36 -25.01 -12.34
N VAL B 197 15.29 -26.29 -12.74
CA VAL B 197 14.18 -27.22 -12.49
C VAL B 197 14.76 -28.51 -11.90
N SER B 198 13.88 -29.44 -11.41
CA SER B 198 14.25 -30.77 -10.93
C SER B 198 14.82 -31.55 -12.13
N ALA B 199 15.78 -32.46 -11.91
CA ALA B 199 16.28 -33.27 -13.03
C ALA B 199 15.11 -34.07 -13.63
N THR B 200 14.21 -34.64 -12.79
CA THR B 200 13.05 -35.42 -13.27
C THR B 200 12.11 -34.64 -14.19
N PHE B 201 11.91 -33.34 -13.91
CA PHE B 201 11.10 -32.43 -14.71
C PHE B 201 11.79 -32.18 -16.07
N TRP B 202 13.14 -31.97 -16.07
CA TRP B 202 13.89 -31.82 -17.33
C TRP B 202 13.81 -33.11 -18.16
N GLN B 203 13.81 -34.28 -17.48
CA GLN B 203 13.76 -35.59 -18.11
C GLN B 203 12.44 -35.98 -18.79
N ASN B 204 11.33 -35.22 -18.55
CA ASN B 204 10.03 -35.48 -19.16
C ASN B 204 10.05 -34.93 -20.61
N PRO B 205 9.99 -35.82 -21.65
CA PRO B 205 10.09 -35.32 -23.04
C PRO B 205 8.92 -34.46 -23.53
N ARG B 206 7.86 -34.39 -22.74
CA ARG B 206 6.70 -33.56 -23.04
C ARG B 206 6.85 -32.15 -22.47
N ASN B 207 7.84 -31.91 -21.59
CA ASN B 207 8.04 -30.53 -21.10
C ASN B 207 8.74 -29.64 -22.14
N HIS B 208 8.20 -28.42 -22.32
CA HIS B 208 8.70 -27.45 -23.32
C HIS B 208 9.18 -26.20 -22.61
N PHE B 209 10.38 -25.74 -22.98
CA PHE B 209 11.07 -24.59 -22.39
C PHE B 209 11.35 -23.56 -23.45
N ARG B 210 10.97 -22.30 -23.20
CA ARG B 210 11.22 -21.23 -24.14
C ARG B 210 11.75 -19.99 -23.44
N CYS B 211 12.92 -19.50 -23.87
CA CYS B 211 13.43 -18.23 -23.38
C CYS B 211 12.95 -17.19 -24.41
N GLN B 212 12.30 -16.11 -23.94
CA GLN B 212 11.84 -15.05 -24.84
C GLN B 212 12.42 -13.67 -24.48
N VAL B 213 12.86 -12.91 -25.49
CA VAL B 213 13.42 -11.56 -25.28
C VAL B 213 12.59 -10.53 -26.04
N GLN B 214 11.86 -9.70 -25.30
CA GLN B 214 11.15 -8.57 -25.88
C GLN B 214 12.20 -7.45 -26.12
N PHE B 215 12.32 -7.00 -27.38
CA PHE B 215 13.23 -5.92 -27.78
C PHE B 215 12.40 -4.71 -28.19
N TYR B 216 12.86 -3.50 -27.82
CA TYR B 216 12.22 -2.25 -28.22
C TYR B 216 13.19 -1.56 -29.15
N GLY B 217 12.80 -1.47 -30.41
CA GLY B 217 13.64 -0.90 -31.46
C GLY B 217 12.94 0.16 -32.25
N LEU B 218 13.05 0.08 -33.57
CA LEU B 218 12.45 1.02 -34.50
C LEU B 218 10.93 0.85 -34.62
N SER B 219 10.24 1.89 -35.11
CA SER B 219 8.79 1.87 -35.31
C SER B 219 8.52 1.86 -36.81
N GLU B 220 7.27 1.54 -37.22
CA GLU B 220 6.83 1.51 -38.62
C GLU B 220 7.13 2.80 -39.38
N ASN B 221 7.05 3.94 -38.66
CA ASN B 221 7.32 5.27 -39.20
C ASN B 221 8.79 5.51 -39.58
N ASP B 222 9.74 4.77 -38.96
CA ASP B 222 11.18 4.93 -39.22
C ASP B 222 11.59 4.42 -40.60
N GLU B 223 12.45 5.18 -41.30
CA GLU B 223 12.97 4.78 -42.61
C GLU B 223 14.04 3.69 -42.44
N TRP B 224 14.14 2.79 -43.42
CA TRP B 224 15.14 1.72 -43.41
C TRP B 224 15.57 1.40 -44.83
N THR B 225 16.90 1.56 -45.12
CA THR B 225 17.44 1.31 -46.47
C THR B 225 18.59 0.28 -46.50
N GLN B 226 18.59 -0.63 -45.53
CA GLN B 226 19.61 -1.66 -45.46
C GLN B 226 19.10 -3.00 -45.97
N ASP B 227 20.04 -3.88 -46.36
CA ASP B 227 19.74 -5.22 -46.88
C ASP B 227 19.11 -6.12 -45.81
N ARG B 228 19.57 -5.99 -44.53
CA ARG B 228 19.05 -6.75 -43.40
C ARG B 228 17.66 -6.27 -42.97
N ALA B 229 16.89 -7.17 -42.33
CA ALA B 229 15.54 -6.90 -41.81
C ALA B 229 15.57 -5.70 -40.86
N LYS B 230 14.62 -4.76 -41.04
CA LYS B 230 14.46 -3.58 -40.20
C LYS B 230 14.36 -4.00 -38.71
N PRO B 231 15.20 -3.40 -37.84
CA PRO B 231 15.21 -3.82 -36.42
C PRO B 231 14.08 -3.19 -35.60
N VAL B 232 12.83 -3.57 -35.92
CA VAL B 232 11.63 -3.09 -35.22
C VAL B 232 11.51 -3.70 -33.81
N THR B 233 10.60 -3.15 -33.01
CA THR B 233 10.22 -3.70 -31.70
C THR B 233 9.71 -5.11 -32.00
N GLN B 234 10.26 -6.14 -31.32
CA GLN B 234 9.90 -7.53 -31.59
C GLN B 234 10.28 -8.44 -30.43
N ILE B 235 9.77 -9.68 -30.47
CA ILE B 235 10.14 -10.72 -29.54
C ILE B 235 11.00 -11.72 -30.32
N VAL B 236 12.15 -12.10 -29.74
CA VAL B 236 13.04 -13.12 -30.27
C VAL B 236 13.10 -14.25 -29.22
N SER B 237 12.89 -15.50 -29.64
CA SER B 237 12.92 -16.62 -28.72
C SER B 237 13.84 -17.73 -29.16
N ALA B 238 14.23 -18.59 -28.21
CA ALA B 238 14.96 -19.84 -28.45
C ALA B 238 14.24 -20.89 -27.60
N GLU B 239 14.28 -22.14 -28.01
CA GLU B 239 13.55 -23.13 -27.24
C GLU B 239 14.27 -24.45 -26.98
N ALA B 240 13.79 -25.19 -25.95
CA ALA B 240 14.33 -26.53 -25.63
C ALA B 240 13.20 -27.45 -25.24
N TRP B 241 13.40 -28.75 -25.42
CA TRP B 241 12.45 -29.78 -25.04
C TRP B 241 13.15 -30.76 -24.09
N GLY B 242 12.41 -31.24 -23.08
CA GLY B 242 12.92 -32.20 -22.10
C GLY B 242 13.49 -33.45 -22.76
N ARG B 243 14.50 -34.09 -22.12
CA ARG B 243 15.16 -35.27 -22.67
C ARG B 243 15.16 -36.43 -21.70
N ALA B 244 14.60 -37.58 -22.14
CA ALA B 244 14.52 -38.81 -21.34
C ALA B 244 15.82 -39.60 -21.30
N GLU C 3 -14.45 25.01 26.40
CA GLU C 3 -13.49 24.01 25.96
C GLU C 3 -13.48 22.83 26.91
N VAL C 4 -13.78 21.67 26.36
CA VAL C 4 -13.82 20.39 27.05
C VAL C 4 -12.64 19.56 26.52
N GLU C 5 -11.79 19.08 27.43
CA GLU C 5 -10.65 18.23 27.05
C GLU C 5 -10.88 16.78 27.51
N GLN C 6 -11.23 15.94 26.55
CA GLN C 6 -11.51 14.52 26.80
C GLN C 6 -10.28 13.64 26.51
N ASP C 7 -10.08 12.59 27.35
CA ASP C 7 -9.04 11.55 27.18
C ASP C 7 -9.04 11.09 25.72
N PRO C 8 -7.93 11.23 24.99
CA PRO C 8 -7.94 10.90 23.55
C PRO C 8 -8.30 9.45 23.19
N GLY C 9 -7.72 8.50 23.91
CA GLY C 9 -7.85 7.07 23.63
C GLY C 9 -7.05 6.72 22.37
N PRO C 10 -7.32 5.59 21.66
CA PRO C 10 -8.28 4.53 21.98
C PRO C 10 -7.86 3.72 23.22
N LEU C 11 -8.85 3.20 23.93
CA LEU C 11 -8.64 2.44 25.16
C LEU C 11 -9.11 0.99 24.93
N SER C 12 -8.21 0.01 25.20
CA SER C 12 -8.50 -1.42 25.05
C SER C 12 -8.27 -2.14 26.38
N VAL C 13 -9.32 -2.79 26.92
CA VAL C 13 -9.24 -3.45 28.23
C VAL C 13 -9.77 -4.91 28.21
N PRO C 14 -9.30 -5.81 29.10
CA PRO C 14 -9.90 -7.16 29.15
C PRO C 14 -11.25 -7.12 29.91
N GLU C 15 -12.22 -7.98 29.52
CA GLU C 15 -13.52 -8.11 30.16
C GLU C 15 -13.34 -8.28 31.68
N GLY C 16 -14.16 -7.57 32.46
CA GLY C 16 -14.11 -7.61 33.93
C GLY C 16 -13.29 -6.50 34.57
N ALA C 17 -12.53 -5.74 33.77
CA ALA C 17 -11.71 -4.64 34.25
C ALA C 17 -12.58 -3.42 34.59
N ILE C 18 -12.15 -2.60 35.57
CA ILE C 18 -12.80 -1.32 35.88
C ILE C 18 -12.21 -0.33 34.87
N VAL C 19 -13.07 0.49 34.26
CA VAL C 19 -12.67 1.48 33.29
C VAL C 19 -12.96 2.86 33.87
N SER C 20 -12.04 3.81 33.66
CA SER C 20 -12.19 5.20 34.08
C SER C 20 -12.11 6.07 32.79
N LEU C 21 -13.21 6.81 32.48
CA LEU C 21 -13.30 7.74 31.33
C LEU C 21 -13.40 9.15 31.89
N ASN C 22 -12.48 10.03 31.49
CA ASN C 22 -12.38 11.37 32.08
C ASN C 22 -12.39 12.52 31.09
N CYS C 23 -12.80 13.71 31.58
CA CYS C 23 -12.85 14.97 30.86
C CYS C 23 -12.45 16.09 31.80
N THR C 24 -11.73 17.10 31.28
CA THR C 24 -11.42 18.33 32.00
C THR C 24 -12.10 19.48 31.24
N TYR C 25 -12.40 20.56 31.94
CA TYR C 25 -13.01 21.73 31.33
C TYR C 25 -12.43 23.01 31.89
N SER C 26 -12.64 24.14 31.20
CA SER C 26 -12.10 25.43 31.63
C SER C 26 -13.18 26.42 32.08
N ASN C 27 -14.44 26.21 31.64
CA ASN C 27 -15.55 27.08 32.01
C ASN C 27 -16.15 26.76 33.39
N SER C 28 -15.91 27.67 34.37
CA SER C 28 -16.39 27.60 35.76
C SER C 28 -17.92 27.61 35.87
N ALA C 29 -18.63 28.19 34.88
CA ALA C 29 -20.09 28.25 34.89
C ALA C 29 -20.77 26.92 34.54
N PHE C 30 -20.02 25.88 34.06
CA PHE C 30 -20.59 24.56 33.73
C PHE C 30 -21.24 23.96 34.98
N GLN C 31 -22.49 23.45 34.82
CA GLN C 31 -23.34 22.96 35.91
C GLN C 31 -24.08 21.64 35.60
N TYR C 32 -24.27 21.32 34.33
CA TYR C 32 -24.92 20.06 33.93
C TYR C 32 -23.88 19.22 33.21
N PHE C 33 -23.72 17.96 33.64
CA PHE C 33 -22.68 17.06 33.14
C PHE C 33 -23.27 15.76 32.61
N MET C 34 -23.12 15.54 31.30
CA MET C 34 -23.70 14.39 30.63
C MET C 34 -22.69 13.45 30.01
N TRP C 35 -23.03 12.17 29.97
CA TRP C 35 -22.23 11.14 29.32
C TRP C 35 -23.11 10.48 28.27
N TYR C 36 -22.62 10.44 27.02
CA TYR C 36 -23.30 9.79 25.92
C TYR C 36 -22.49 8.56 25.51
N ARG C 37 -23.20 7.53 25.05
CA ARG C 37 -22.62 6.30 24.52
C ARG C 37 -22.99 6.23 23.04
N GLN C 38 -21.96 6.08 22.18
CA GLN C 38 -22.15 6.01 20.74
C GLN C 38 -21.56 4.74 20.13
N TYR C 39 -22.46 3.81 19.73
CA TYR C 39 -22.07 2.59 19.05
C TYR C 39 -21.66 2.93 17.61
N SER C 40 -20.73 2.11 17.07
CA SER C 40 -20.19 2.22 15.72
C SER C 40 -21.28 2.54 14.73
N ARG C 41 -21.17 3.71 14.07
CA ARG C 41 -22.10 4.18 13.04
C ARG C 41 -23.58 4.25 13.47
N LYS C 42 -23.81 4.74 14.71
CA LYS C 42 -25.14 4.96 15.29
C LYS C 42 -25.12 6.35 15.90
N GLY C 43 -26.29 6.84 16.33
CA GLY C 43 -26.37 8.13 16.99
C GLY C 43 -25.95 8.06 18.47
N PRO C 44 -25.43 9.16 19.05
CA PRO C 44 -25.13 9.16 20.50
C PRO C 44 -26.41 8.97 21.34
N GLU C 45 -26.28 8.28 22.47
CA GLU C 45 -27.41 7.98 23.35
C GLU C 45 -27.06 8.38 24.76
N LEU C 46 -27.93 9.20 25.40
CA LEU C 46 -27.69 9.65 26.77
C LEU C 46 -27.62 8.44 27.72
N LEU C 47 -26.52 8.32 28.47
CA LEU C 47 -26.28 7.20 29.37
C LEU C 47 -26.40 7.61 30.84
N MET C 48 -25.76 8.73 31.23
CA MET C 48 -25.74 9.27 32.60
C MET C 48 -25.78 10.80 32.52
N TYR C 49 -26.37 11.43 33.52
CA TYR C 49 -26.42 12.90 33.64
C TYR C 49 -26.44 13.28 35.11
N THR C 50 -25.74 14.36 35.47
CA THR C 50 -25.73 14.86 36.85
C THR C 50 -25.77 16.38 36.87
N TYR C 51 -26.16 16.94 38.03
CA TYR C 51 -26.23 18.37 38.27
C TYR C 51 -25.25 18.70 39.38
N SER C 52 -24.47 19.79 39.18
CA SER C 52 -23.47 20.34 40.11
C SER C 52 -22.40 19.29 40.53
N SER C 53 -21.75 19.48 41.70
CA SER C 53 -20.72 18.57 42.21
C SER C 53 -21.34 17.33 42.85
N GLY C 54 -20.63 16.20 42.78
CA GLY C 54 -21.08 14.95 43.39
C GLY C 54 -21.10 13.73 42.49
N ASN C 55 -21.59 12.60 43.05
CA ASN C 55 -21.67 11.31 42.36
C ASN C 55 -23.10 10.82 42.15
N LYS C 56 -23.27 9.94 41.13
CA LYS C 56 -24.50 9.26 40.79
C LYS C 56 -24.16 7.82 40.36
N GLU C 57 -24.77 6.84 41.04
CA GLU C 57 -24.56 5.41 40.77
C GLU C 57 -25.78 4.80 40.07
N ASP C 58 -25.52 4.05 38.98
CA ASP C 58 -26.54 3.35 38.19
C ASP C 58 -25.95 2.05 37.66
N GLY C 59 -26.20 0.96 38.40
CA GLY C 59 -25.72 -0.38 38.08
C GLY C 59 -24.22 -0.46 38.14
N ARG C 60 -23.59 -0.80 37.00
CA ARG C 60 -22.14 -0.90 36.85
C ARG C 60 -21.49 0.49 36.61
N PHE C 61 -22.33 1.54 36.46
CA PHE C 61 -21.88 2.90 36.18
C PHE C 61 -21.92 3.88 37.35
N THR C 62 -20.86 4.69 37.45
CA THR C 62 -20.75 5.79 38.41
C THR C 62 -20.28 7.05 37.66
N ALA C 63 -21.13 8.07 37.63
CA ALA C 63 -20.78 9.36 37.07
C ALA C 63 -20.33 10.22 38.25
N GLN C 64 -19.17 10.87 38.15
CA GLN C 64 -18.70 11.78 39.19
C GLN C 64 -18.20 13.11 38.67
N VAL C 65 -18.51 14.17 39.43
CA VAL C 65 -18.15 15.54 39.10
C VAL C 65 -17.42 16.19 40.28
N ASP C 66 -16.25 16.79 40.00
CA ASP C 66 -15.45 17.55 40.95
C ASP C 66 -15.24 18.95 40.32
N LYS C 67 -16.16 19.87 40.56
CA LYS C 67 -16.13 21.25 40.06
C LYS C 67 -14.89 22.02 40.50
N SER C 68 -14.38 21.74 41.73
CA SER C 68 -13.19 22.33 42.34
C SER C 68 -11.96 22.20 41.42
N SER C 69 -11.71 20.98 40.89
CA SER C 69 -10.60 20.73 39.99
C SER C 69 -11.00 20.63 38.49
N LYS C 70 -12.29 20.95 38.17
CA LYS C 70 -12.87 20.92 36.82
C LYS C 70 -12.58 19.56 36.12
N TYR C 71 -12.95 18.48 36.82
CA TYR C 71 -12.65 17.11 36.42
C TYR C 71 -13.86 16.25 36.62
N ILE C 72 -14.27 15.57 35.54
CA ILE C 72 -15.42 14.68 35.57
C ILE C 72 -14.98 13.29 35.13
N SER C 73 -15.64 12.26 35.67
CA SER C 73 -15.32 10.88 35.37
C SER C 73 -16.53 10.00 35.29
N LEU C 74 -16.47 9.02 34.37
CA LEU C 74 -17.45 7.96 34.26
C LEU C 74 -16.69 6.66 34.54
N PHE C 75 -17.11 5.93 35.59
CA PHE C 75 -16.51 4.65 35.94
C PHE C 75 -17.43 3.51 35.49
N ILE C 76 -16.85 2.49 34.81
CA ILE C 76 -17.56 1.28 34.37
C ILE C 76 -16.96 0.09 35.14
N ARG C 77 -17.71 -0.47 36.10
CA ARG C 77 -17.30 -1.65 36.87
C ARG C 77 -17.59 -2.88 36.03
N ASP C 78 -16.77 -3.95 36.21
CA ASP C 78 -16.90 -5.26 35.54
C ASP C 78 -17.27 -5.08 34.06
N SER C 79 -16.40 -4.35 33.31
CA SER C 79 -16.64 -4.04 31.90
C SER C 79 -17.01 -5.29 31.07
N GLN C 80 -17.95 -5.11 30.14
CA GLN C 80 -18.47 -6.18 29.30
C GLN C 80 -18.20 -5.88 27.82
N PRO C 81 -18.02 -6.92 26.95
CA PRO C 81 -17.80 -6.66 25.51
C PRO C 81 -18.83 -5.73 24.85
N SER C 82 -20.10 -5.71 25.35
CA SER C 82 -21.17 -4.84 24.84
C SER C 82 -20.98 -3.36 25.22
N ASP C 83 -20.00 -3.06 26.11
CA ASP C 83 -19.71 -1.66 26.49
C ASP C 83 -18.79 -1.01 25.46
N SER C 84 -18.29 -1.79 24.48
CA SER C 84 -17.40 -1.31 23.43
C SER C 84 -18.15 -0.28 22.60
N ALA C 85 -17.72 1.00 22.69
CA ALA C 85 -18.39 2.15 22.04
C ALA C 85 -17.54 3.40 22.23
N THR C 86 -17.99 4.53 21.63
CA THR C 86 -17.31 5.82 21.85
C THR C 86 -18.10 6.53 22.96
N TYR C 87 -17.40 7.00 23.97
CA TYR C 87 -18.00 7.71 25.08
C TYR C 87 -17.69 9.18 24.95
N LEU C 88 -18.74 10.00 24.95
CA LEU C 88 -18.58 11.43 24.82
C LEU C 88 -19.15 12.14 26.03
N CYS C 89 -18.35 13.05 26.61
CA CYS C 89 -18.83 13.87 27.70
C CYS C 89 -19.40 15.18 27.08
N ALA C 90 -20.50 15.71 27.66
CA ALA C 90 -21.13 16.96 27.24
C ALA C 90 -21.46 17.78 28.47
N MET C 91 -21.28 19.09 28.37
CA MET C 91 -21.48 20.01 29.49
C MET C 91 -22.26 21.25 29.10
N SER C 92 -23.12 21.71 30.01
CA SER C 92 -23.92 22.93 29.83
C SER C 92 -23.74 23.85 31.04
N THR C 93 -23.86 25.16 30.82
CA THR C 93 -23.79 26.14 31.91
C THR C 93 -25.13 26.20 32.63
N SER C 94 -25.15 26.89 33.78
CA SER C 94 -26.33 27.18 34.61
C SER C 94 -27.36 27.94 33.76
N LEU C 95 -28.65 27.69 34.01
CA LEU C 95 -29.73 28.33 33.25
C LEU C 95 -29.72 29.86 33.41
N PRO C 96 -29.86 30.65 32.30
CA PRO C 96 -30.11 30.23 30.91
C PRO C 96 -28.85 29.78 30.18
N ASN C 97 -29.01 28.78 29.30
CA ASN C 97 -27.93 28.21 28.49
C ASN C 97 -28.39 28.02 27.02
N ALA C 98 -29.63 28.48 26.72
CA ALA C 98 -30.31 28.43 25.42
C ALA C 98 -30.39 27.01 24.78
N GLY C 99 -30.38 25.98 25.63
CA GLY C 99 -30.43 24.57 25.24
C GLY C 99 -29.11 24.02 24.72
N LYS C 100 -28.03 24.79 24.82
CA LYS C 100 -26.72 24.39 24.29
C LYS C 100 -25.84 23.56 25.21
N SER C 101 -25.11 22.59 24.64
CA SER C 101 -24.12 21.76 25.32
C SER C 101 -22.82 21.67 24.54
N THR C 102 -21.68 21.60 25.25
CA THR C 102 -20.34 21.48 24.65
C THR C 102 -19.85 20.04 24.79
N PHE C 103 -19.49 19.43 23.66
CA PHE C 103 -19.04 18.05 23.61
C PHE C 103 -17.52 17.91 23.61
N GLY C 104 -17.03 16.89 24.33
CA GLY C 104 -15.62 16.49 24.28
C GLY C 104 -15.41 15.70 23.00
N ASP C 105 -14.17 15.44 22.62
CA ASP C 105 -13.84 14.73 21.37
C ASP C 105 -14.09 13.22 21.35
N GLY C 106 -14.45 12.65 22.51
CA GLY C 106 -14.74 11.24 22.64
C GLY C 106 -13.55 10.31 22.91
N THR C 107 -13.84 9.19 23.59
CA THR C 107 -12.88 8.13 23.89
C THR C 107 -13.49 6.83 23.40
N THR C 108 -12.85 6.16 22.41
CA THR C 108 -13.32 4.88 21.92
C THR C 108 -12.79 3.75 22.80
N LEU C 109 -13.71 2.98 23.40
CA LEU C 109 -13.40 1.88 24.29
C LEU C 109 -13.68 0.54 23.63
N THR C 110 -12.73 -0.40 23.72
CA THR C 110 -12.87 -1.78 23.26
C THR C 110 -12.69 -2.67 24.49
N VAL C 111 -13.71 -3.49 24.80
CA VAL C 111 -13.66 -4.41 25.91
C VAL C 111 -13.48 -5.79 25.28
N LYS C 112 -12.26 -6.37 25.40
CA LYS C 112 -11.92 -7.68 24.84
C LYS C 112 -12.59 -8.84 25.61
N PRO C 113 -13.34 -9.71 24.92
CA PRO C 113 -14.00 -10.83 25.62
C PRO C 113 -13.04 -11.88 26.17
N ASN C 114 -13.40 -12.43 27.34
CA ASN C 114 -12.67 -13.48 28.02
C ASN C 114 -13.03 -14.78 27.33
N ILE C 115 -11.99 -15.55 26.98
CA ILE C 115 -12.14 -16.82 26.28
C ILE C 115 -11.88 -17.94 27.29
N GLN C 116 -12.90 -18.77 27.52
CA GLN C 116 -12.87 -19.88 28.48
C GLN C 116 -11.88 -20.99 28.11
N ASN C 117 -11.90 -21.45 26.84
CA ASN C 117 -11.00 -22.51 26.36
C ASN C 117 -10.22 -22.07 25.10
N PRO C 118 -9.12 -21.27 25.28
CA PRO C 118 -8.37 -20.81 24.08
C PRO C 118 -7.70 -21.95 23.33
N ASP C 119 -7.60 -21.77 22.01
CA ASP C 119 -6.99 -22.72 21.08
C ASP C 119 -6.35 -21.87 19.96
N PRO C 120 -5.34 -21.00 20.28
CA PRO C 120 -4.76 -20.12 19.24
C PRO C 120 -4.25 -20.84 18.00
N ALA C 121 -4.62 -20.32 16.81
CA ALA C 121 -4.22 -20.88 15.52
C ALA C 121 -4.32 -19.89 14.39
N VAL C 122 -3.49 -20.10 13.35
CA VAL C 122 -3.47 -19.31 12.12
C VAL C 122 -3.83 -20.26 10.98
N TYR C 123 -4.96 -19.98 10.30
CA TYR C 123 -5.44 -20.79 9.17
C TYR C 123 -5.40 -20.03 7.86
N GLN C 124 -5.12 -20.76 6.76
CA GLN C 124 -5.15 -20.22 5.41
C GLN C 124 -6.50 -20.61 4.82
N LEU C 125 -7.26 -19.61 4.38
CA LEU C 125 -8.57 -19.88 3.79
C LEU C 125 -8.45 -20.17 2.31
N ARG C 126 -9.43 -20.92 1.77
CA ARG C 126 -9.47 -21.30 0.37
C ARG C 126 -10.04 -20.15 -0.44
N ASP C 127 -9.49 -19.93 -1.64
CA ASP C 127 -9.90 -18.89 -2.59
C ASP C 127 -11.35 -19.03 -3.07
N SER C 134 -4.60 -13.40 -1.00
CA SER C 134 -4.60 -14.51 -0.05
C SER C 134 -5.13 -14.10 1.33
N VAL C 135 -5.93 -14.98 2.00
CA VAL C 135 -6.53 -14.69 3.31
C VAL C 135 -5.98 -15.59 4.44
N CYS C 136 -5.52 -14.97 5.55
CA CYS C 136 -5.04 -15.67 6.74
C CYS C 136 -5.91 -15.28 7.94
N LEU C 137 -6.39 -16.30 8.67
CA LEU C 137 -7.24 -16.09 9.84
C LEU C 137 -6.57 -16.53 11.14
N PHE C 138 -6.31 -15.55 12.03
CA PHE C 138 -5.76 -15.83 13.35
C PHE C 138 -6.98 -15.85 14.26
N THR C 139 -7.26 -17.02 14.87
CA THR C 139 -8.47 -17.17 15.68
C THR C 139 -8.22 -17.92 17.00
N ASP C 140 -9.22 -17.87 17.90
CA ASP C 140 -9.32 -18.61 19.16
C ASP C 140 -8.30 -18.29 20.24
N PHE C 141 -7.74 -17.08 20.17
CA PHE C 141 -6.77 -16.61 21.16
C PHE C 141 -7.50 -15.86 22.28
N ASP C 142 -6.87 -15.81 23.48
CA ASP C 142 -7.36 -15.19 24.71
C ASP C 142 -7.37 -13.65 24.63
N SER C 143 -8.02 -12.95 25.62
CA SER C 143 -8.06 -11.48 25.69
C SER C 143 -6.70 -10.80 26.06
N GLN C 144 -5.66 -11.61 26.29
CA GLN C 144 -4.32 -11.11 26.61
C GLN C 144 -3.53 -10.85 25.31
N THR C 145 -3.96 -11.44 24.18
CA THR C 145 -3.28 -11.24 22.90
C THR C 145 -3.61 -9.88 22.26
N ASN C 146 -2.59 -9.17 21.76
CA ASN C 146 -2.68 -7.90 21.04
C ASN C 146 -2.29 -8.14 19.58
N VAL C 147 -3.18 -7.79 18.66
CA VAL C 147 -2.92 -7.93 17.23
C VAL C 147 -2.39 -6.58 16.72
N SER C 148 -1.14 -6.60 16.25
CA SER C 148 -0.50 -5.40 15.72
C SER C 148 -0.69 -5.34 14.22
N GLN C 149 -0.56 -4.12 13.65
CA GLN C 149 -0.64 -3.89 12.21
C GLN C 149 0.63 -4.41 11.54
N SER C 150 0.57 -4.65 10.23
CA SER C 150 1.74 -5.13 9.50
C SER C 150 2.76 -4.02 9.32
N LYS C 151 4.05 -4.40 9.22
CA LYS C 151 5.14 -3.46 8.94
C LYS C 151 5.12 -3.19 7.43
N ASP C 152 4.44 -4.08 6.66
CA ASP C 152 4.28 -3.99 5.21
C ASP C 152 3.01 -3.18 4.87
N SER C 153 3.16 -2.24 3.93
CA SER C 153 2.10 -1.34 3.43
C SER C 153 1.05 -2.10 2.61
N ASP C 154 1.47 -3.16 1.88
CA ASP C 154 0.60 -3.98 1.02
C ASP C 154 -0.13 -5.12 1.77
N VAL C 155 0.09 -5.25 3.08
CA VAL C 155 -0.57 -6.28 3.92
C VAL C 155 -1.60 -5.59 4.80
N TYR C 156 -2.87 -6.03 4.69
CA TYR C 156 -3.98 -5.46 5.46
C TYR C 156 -4.37 -6.40 6.59
N ILE C 157 -4.54 -5.84 7.81
CA ILE C 157 -4.92 -6.60 9.01
C ILE C 157 -6.06 -5.86 9.74
N THR C 158 -7.10 -6.60 10.10
CA THR C 158 -8.24 -6.07 10.86
C THR C 158 -8.25 -6.73 12.21
N ASP C 159 -8.25 -5.94 13.25
CA ASP C 159 -8.11 -6.32 14.64
C ASP C 159 -9.41 -6.51 15.47
N LYS C 160 -10.32 -5.51 15.49
CA LYS C 160 -11.47 -5.45 16.39
C LYS C 160 -12.90 -5.47 15.84
N CYS C 161 -13.30 -6.57 15.19
CA CYS C 161 -14.66 -6.69 14.67
C CYS C 161 -15.70 -6.56 15.81
N VAL C 162 -16.90 -6.11 15.44
CA VAL C 162 -18.02 -5.92 16.36
C VAL C 162 -19.14 -6.94 16.05
N LEU C 163 -19.73 -7.52 17.11
CA LEU C 163 -20.81 -8.51 16.97
C LEU C 163 -22.19 -7.96 17.38
N ASP C 164 -23.24 -8.81 17.24
CA ASP C 164 -24.65 -8.61 17.61
C ASP C 164 -25.34 -9.94 17.32
N MET C 165 -25.73 -10.68 18.39
CA MET C 165 -26.32 -12.03 18.43
C MET C 165 -25.31 -13.16 18.15
N SER C 172 -15.93 -15.92 19.33
CA SER C 172 -14.49 -16.07 19.56
C SER C 172 -13.67 -14.92 18.93
N ASN C 173 -12.37 -14.83 19.28
CA ASN C 173 -11.52 -13.76 18.74
C ASN C 173 -10.98 -14.15 17.40
N SER C 174 -10.95 -13.19 16.46
CA SER C 174 -10.35 -13.39 15.15
C SER C 174 -9.84 -12.13 14.50
N ALA C 175 -8.66 -12.24 13.90
CA ALA C 175 -8.04 -11.18 13.14
C ALA C 175 -7.86 -11.73 11.73
N VAL C 176 -8.18 -10.91 10.74
CA VAL C 176 -8.05 -11.29 9.33
C VAL C 176 -6.86 -10.53 8.72
N ALA C 177 -6.01 -11.27 8.00
CA ALA C 177 -4.87 -10.73 7.27
C ALA C 177 -4.97 -11.05 5.78
N TRP C 178 -4.81 -10.04 4.90
CA TRP C 178 -4.85 -10.23 3.44
C TRP C 178 -3.87 -9.36 2.69
N SER C 179 -3.39 -9.87 1.54
CA SER C 179 -2.42 -9.21 0.66
C SER C 179 -2.43 -9.84 -0.73
N ASP C 183 5.50 -14.48 -1.51
CA ASP C 183 5.56 -13.12 -0.97
C ASP C 183 5.00 -13.06 0.46
N PHE C 184 3.67 -13.23 0.59
CA PHE C 184 2.90 -13.20 1.83
C PHE C 184 2.42 -14.62 2.15
N ALA C 185 2.61 -15.06 3.40
CA ALA C 185 2.22 -16.39 3.86
C ALA C 185 1.70 -16.31 5.29
N CYS C 186 0.86 -17.28 5.68
CA CYS C 186 0.27 -17.30 7.02
C CYS C 186 1.27 -17.51 8.16
N ALA C 187 2.47 -18.03 7.83
CA ALA C 187 3.57 -18.25 8.76
C ALA C 187 4.20 -16.92 9.21
N ASN C 188 4.26 -15.91 8.31
CA ASN C 188 4.82 -14.57 8.56
C ASN C 188 3.78 -13.43 8.67
N ALA C 189 2.49 -13.72 8.34
CA ALA C 189 1.39 -12.75 8.35
C ALA C 189 1.29 -11.92 9.64
N PHE C 190 1.38 -12.59 10.81
CA PHE C 190 1.30 -11.91 12.11
C PHE C 190 2.63 -11.74 12.83
N ASN C 191 3.74 -11.61 12.08
CA ASN C 191 5.09 -11.44 12.61
C ASN C 191 5.29 -10.18 13.45
N ASN C 192 4.54 -9.08 13.15
CA ASN C 192 4.63 -7.84 13.90
C ASN C 192 3.87 -7.90 15.25
N SER C 193 3.14 -9.02 15.49
CA SER C 193 2.38 -9.24 16.73
C SER C 193 3.09 -10.19 17.68
N ILE C 194 2.85 -10.03 19.00
CA ILE C 194 3.32 -10.96 20.03
C ILE C 194 2.16 -11.95 20.19
N ILE C 195 2.28 -13.13 19.54
CA ILE C 195 1.23 -14.17 19.54
C ILE C 195 1.56 -15.29 20.54
N PRO C 196 0.59 -16.11 21.04
CA PRO C 196 0.95 -17.18 22.00
C PRO C 196 1.95 -18.18 21.43
N GLU C 197 2.86 -18.70 22.29
CA GLU C 197 3.91 -19.65 21.91
C GLU C 197 3.37 -20.97 21.35
N ASP C 198 2.20 -21.38 21.85
CA ASP C 198 1.50 -22.61 21.45
C ASP C 198 0.50 -22.41 20.28
N THR C 199 0.64 -21.29 19.50
CA THR C 199 -0.22 -21.03 18.34
C THR C 199 -0.02 -22.12 17.29
N PHE C 200 -1.13 -22.80 16.93
CA PHE C 200 -1.15 -23.89 15.97
C PHE C 200 -1.01 -23.36 14.54
N PHE C 201 0.01 -23.86 13.83
CA PHE C 201 0.29 -23.51 12.43
C PHE C 201 0.20 -24.78 11.57
N PRO C 202 -1.03 -25.19 11.15
CA PRO C 202 -1.17 -26.41 10.34
C PRO C 202 -0.47 -26.35 8.99
N SER C 203 -0.04 -27.53 8.48
CA SER C 203 0.63 -27.69 7.19
C SER C 203 -0.29 -27.34 6.03
N GLY D 3 -36.94 8.35 18.64
CA GLY D 3 -38.02 9.17 18.09
C GLY D 3 -37.61 10.22 17.07
N VAL D 4 -36.28 10.45 16.87
CA VAL D 4 -35.74 11.44 15.91
C VAL D 4 -35.31 10.70 14.63
N THR D 5 -35.78 11.13 13.45
CA THR D 5 -35.36 10.46 12.20
C THR D 5 -34.77 11.44 11.18
N GLN D 6 -33.79 10.99 10.40
CA GLN D 6 -33.08 11.81 9.41
C GLN D 6 -33.15 11.20 8.04
N THR D 7 -33.31 12.03 7.01
CA THR D 7 -33.28 11.62 5.60
C THR D 7 -32.46 12.63 4.78
N PRO D 8 -31.62 12.19 3.82
CA PRO D 8 -31.26 10.79 3.48
C PRO D 8 -30.28 10.23 4.54
N LYS D 9 -29.88 8.97 4.40
CA LYS D 9 -28.91 8.39 5.30
C LYS D 9 -27.51 8.52 4.74
N PHE D 10 -27.40 8.65 3.41
CA PHE D 10 -26.14 8.71 2.67
C PHE D 10 -26.25 9.58 1.42
N ARG D 11 -25.18 10.32 1.10
CA ARG D 11 -25.13 11.13 -0.09
C ARG D 11 -23.72 11.38 -0.55
N VAL D 12 -23.49 11.25 -1.87
CA VAL D 12 -22.26 11.65 -2.54
C VAL D 12 -22.59 12.88 -3.39
N LEU D 13 -21.86 14.02 -3.15
CA LEU D 13 -22.03 15.28 -3.90
C LEU D 13 -20.76 15.70 -4.59
N LYS D 14 -20.91 16.30 -5.79
CA LYS D 14 -19.78 16.88 -6.50
C LYS D 14 -19.61 18.30 -5.91
N THR D 15 -18.37 18.84 -5.87
CA THR D 15 -18.10 20.21 -5.42
C THR D 15 -19.02 21.20 -6.17
N GLY D 16 -19.66 22.11 -5.41
CA GLY D 16 -20.55 23.11 -5.94
C GLY D 16 -22.01 22.70 -6.01
N GLN D 17 -22.33 21.41 -5.76
CA GLN D 17 -23.71 20.94 -5.81
C GLN D 17 -24.48 21.25 -4.51
N SER D 18 -25.81 21.22 -4.56
CA SER D 18 -26.66 21.48 -3.40
C SER D 18 -27.42 20.27 -2.88
N MET D 19 -27.83 20.30 -1.59
CA MET D 19 -28.69 19.28 -0.98
C MET D 19 -29.43 19.77 0.24
N THR D 20 -30.51 19.07 0.58
CA THR D 20 -31.28 19.31 1.80
C THR D 20 -31.30 18.04 2.64
N LEU D 21 -31.05 18.17 3.94
CA LEU D 21 -31.17 17.09 4.93
C LEU D 21 -32.43 17.40 5.71
N LEU D 22 -33.24 16.37 5.96
CA LEU D 22 -34.48 16.57 6.71
C LEU D 22 -34.46 15.83 8.06
N CYS D 23 -34.71 16.56 9.15
CA CYS D 23 -34.89 15.93 10.45
C CYS D 23 -36.36 15.97 10.85
N ALA D 24 -36.87 14.89 11.44
CA ALA D 24 -38.26 14.80 11.90
C ALA D 24 -38.37 14.19 13.29
N GLN D 25 -39.25 14.76 14.13
CA GLN D 25 -39.61 14.22 15.45
C GLN D 25 -41.08 14.46 15.75
N ASP D 26 -41.76 13.45 16.32
CA ASP D 26 -43.19 13.55 16.66
C ASP D 26 -43.40 13.61 18.18
N MET D 27 -42.39 14.13 18.89
CA MET D 27 -42.40 14.18 20.35
C MET D 27 -42.82 15.53 20.91
N ASN D 28 -43.18 16.49 20.01
CA ASN D 28 -43.57 17.86 20.38
C ASN D 28 -42.42 18.61 21.11
N HIS D 29 -41.17 18.27 20.75
CA HIS D 29 -39.97 18.90 21.30
C HIS D 29 -39.83 20.31 20.71
N GLU D 30 -39.60 21.32 21.56
CA GLU D 30 -39.42 22.71 21.13
C GLU D 30 -38.03 22.92 20.47
N TYR D 31 -36.96 22.38 21.07
CA TYR D 31 -35.58 22.51 20.58
C TYR D 31 -35.22 21.45 19.55
N MET D 32 -34.55 21.85 18.46
CA MET D 32 -34.00 20.97 17.43
C MET D 32 -32.62 21.51 17.07
N TYR D 33 -31.68 20.61 16.73
CA TYR D 33 -30.28 20.95 16.48
C TYR D 33 -29.73 20.16 15.30
N TRP D 34 -28.75 20.76 14.58
CA TRP D 34 -28.00 20.08 13.52
C TRP D 34 -26.51 20.17 13.90
N TYR D 35 -25.87 19.02 14.06
CA TYR D 35 -24.45 18.87 14.41
C TYR D 35 -23.72 18.15 13.28
N ARG D 36 -22.39 18.27 13.27
CA ARG D 36 -21.53 17.50 12.38
C ARG D 36 -20.48 16.86 13.29
N GLN D 37 -20.06 15.63 12.95
CA GLN D 37 -19.05 14.87 13.67
C GLN D 37 -18.01 14.33 12.68
N ASP D 38 -16.76 14.73 12.86
CA ASP D 38 -15.66 14.27 12.03
C ASP D 38 -15.09 12.93 12.58
N PRO D 39 -14.38 12.08 11.76
CA PRO D 39 -13.90 10.79 12.29
C PRO D 39 -13.03 10.92 13.54
N GLY D 40 -13.39 10.15 14.56
CA GLY D 40 -12.74 10.13 15.87
C GLY D 40 -12.77 11.44 16.63
N MET D 41 -13.82 12.26 16.41
CA MET D 41 -13.98 13.59 17.02
C MET D 41 -15.38 13.76 17.67
N GLY D 42 -15.60 14.94 18.29
CA GLY D 42 -16.86 15.27 18.95
C GLY D 42 -17.87 15.92 18.03
N LEU D 43 -19.06 16.19 18.56
CA LEU D 43 -20.13 16.84 17.82
C LEU D 43 -20.00 18.36 17.93
N ARG D 44 -20.07 19.06 16.80
CA ARG D 44 -19.98 20.50 16.71
C ARG D 44 -21.33 21.04 16.21
N LEU D 45 -21.92 22.00 16.93
CA LEU D 45 -23.24 22.54 16.57
C LEU D 45 -23.14 23.46 15.37
N ILE D 46 -23.97 23.23 14.33
CA ILE D 46 -23.98 24.05 13.11
C ILE D 46 -24.98 25.19 13.33
N HIS D 47 -26.25 24.81 13.54
CA HIS D 47 -27.37 25.71 13.75
C HIS D 47 -28.36 25.01 14.68
N TYR D 48 -29.23 25.75 15.35
CA TYR D 48 -30.27 25.17 16.17
C TYR D 48 -31.54 26.00 16.09
N SER D 49 -32.60 25.54 16.76
CA SER D 49 -33.91 26.21 16.74
C SER D 49 -34.64 26.01 18.06
N VAL D 50 -35.17 27.11 18.64
CA VAL D 50 -35.91 27.10 19.92
C VAL D 50 -37.43 26.88 19.73
N GLY D 51 -37.90 26.96 18.49
CA GLY D 51 -39.32 26.82 18.14
C GLY D 51 -39.60 27.10 16.69
N GLU D 52 -40.82 26.78 16.20
CA GLU D 52 -41.23 26.97 14.80
C GLU D 52 -41.02 28.37 14.23
N GLY D 53 -40.49 28.45 13.00
CA GLY D 53 -40.23 29.71 12.30
C GLY D 53 -39.06 30.56 12.78
N THR D 54 -38.23 30.04 13.72
CA THR D 54 -37.05 30.76 14.23
C THR D 54 -35.85 29.81 14.29
N THR D 55 -34.66 30.31 13.93
CA THR D 55 -33.41 29.54 13.97
C THR D 55 -32.28 30.42 14.52
N ALA D 56 -31.18 29.79 14.97
CA ALA D 56 -30.02 30.50 15.52
C ALA D 56 -28.71 29.79 15.15
N LYS D 57 -27.65 30.54 15.02
CA LYS D 57 -26.31 30.03 14.68
C LYS D 57 -25.69 29.23 15.84
N GLY D 58 -24.96 28.18 15.49
CA GLY D 58 -24.23 27.36 16.43
C GLY D 58 -22.76 27.74 16.38
N GLU D 59 -21.88 26.77 16.63
CA GLU D 59 -20.44 27.02 16.66
C GLU D 59 -19.83 27.09 15.25
N VAL D 60 -20.33 26.27 14.31
CA VAL D 60 -19.79 26.20 12.94
C VAL D 60 -20.89 26.46 11.85
N PRO D 61 -21.53 27.67 11.81
CA PRO D 61 -22.65 27.87 10.87
C PRO D 61 -22.31 28.20 9.41
N ASP D 62 -21.06 28.61 9.10
CA ASP D 62 -20.68 29.02 7.74
C ASP D 62 -20.80 27.89 6.71
N GLY D 63 -21.42 28.21 5.57
CA GLY D 63 -21.65 27.28 4.48
C GLY D 63 -22.93 26.46 4.59
N TYR D 64 -23.75 26.74 5.61
CA TYR D 64 -25.00 26.04 5.85
C TYR D 64 -26.14 27.00 6.13
N ASN D 65 -27.37 26.56 5.84
CA ASN D 65 -28.57 27.31 6.19
C ASN D 65 -29.56 26.30 6.79
N VAL D 66 -30.53 26.80 7.56
CA VAL D 66 -31.59 25.99 8.20
C VAL D 66 -32.98 26.65 8.07
N SER D 67 -34.05 25.82 8.15
CA SER D 67 -35.47 26.25 8.18
C SER D 67 -36.19 25.38 9.18
N ARG D 68 -36.90 26.01 10.11
CA ARG D 68 -37.74 25.28 11.06
C ARG D 68 -39.16 25.54 10.56
N LEU D 69 -39.56 24.82 9.50
CA LEU D 69 -40.86 25.00 8.83
C LEU D 69 -42.08 24.79 9.74
N LYS D 70 -42.02 23.79 10.61
CA LYS D 70 -43.04 23.50 11.61
C LYS D 70 -42.33 22.86 12.79
N LYS D 71 -43.03 22.66 13.92
CA LYS D 71 -42.43 22.10 15.14
C LYS D 71 -41.72 20.74 14.91
N GLN D 72 -42.32 19.89 14.08
CA GLN D 72 -41.87 18.54 13.76
C GLN D 72 -40.61 18.48 12.91
N ASN D 73 -40.39 19.44 11.99
CA ASN D 73 -39.27 19.38 11.04
C ASN D 73 -38.22 20.47 11.11
N PHE D 74 -36.94 20.06 10.96
CA PHE D 74 -35.80 20.97 10.93
C PHE D 74 -34.93 20.60 9.72
N LEU D 75 -34.86 21.52 8.74
CA LEU D 75 -34.14 21.31 7.48
C LEU D 75 -32.75 21.93 7.50
N LEU D 76 -31.75 21.19 6.99
CA LEU D 76 -30.36 21.66 6.85
C LEU D 76 -30.05 21.74 5.34
N GLY D 77 -29.67 22.93 4.88
CA GLY D 77 -29.35 23.18 3.47
C GLY D 77 -27.88 23.47 3.20
N LEU D 78 -27.36 22.88 2.11
CA LEU D 78 -25.99 23.09 1.60
C LEU D 78 -26.17 23.65 0.21
N GLU D 79 -25.73 24.89 -0.02
CA GLU D 79 -25.95 25.54 -1.32
C GLU D 79 -24.85 25.40 -2.34
N SER D 80 -23.64 25.06 -1.90
CA SER D 80 -22.47 24.91 -2.77
C SER D 80 -21.48 24.00 -2.08
N ALA D 81 -21.67 22.66 -2.22
CA ALA D 81 -20.86 21.63 -1.56
C ALA D 81 -19.35 21.82 -1.65
N ALA D 82 -18.67 21.78 -0.49
CA ALA D 82 -17.21 21.93 -0.42
C ALA D 82 -16.60 20.66 0.21
N PRO D 83 -15.37 20.23 -0.19
CA PRO D 83 -14.75 19.03 0.43
C PRO D 83 -14.71 19.05 1.97
N SER D 84 -14.56 20.24 2.61
CA SER D 84 -14.55 20.39 4.08
C SER D 84 -15.91 19.99 4.72
N GLN D 85 -16.97 19.85 3.88
CA GLN D 85 -18.31 19.44 4.34
C GLN D 85 -18.49 17.92 4.38
N THR D 86 -17.43 17.15 4.00
CA THR D 86 -17.46 15.69 4.10
C THR D 86 -17.51 15.42 5.61
N SER D 87 -18.60 14.82 6.09
CA SER D 87 -18.79 14.59 7.53
C SER D 87 -19.98 13.68 7.78
N VAL D 88 -20.24 13.39 9.06
CA VAL D 88 -21.43 12.66 9.49
C VAL D 88 -22.29 13.71 10.22
N TYR D 89 -23.52 13.89 9.76
CA TYR D 89 -24.43 14.91 10.31
C TYR D 89 -25.47 14.28 11.21
N PHE D 90 -25.67 14.86 12.39
CA PHE D 90 -26.63 14.35 13.36
C PHE D 90 -27.67 15.40 13.76
N CYS D 91 -28.95 15.01 13.70
CA CYS D 91 -30.01 15.88 14.20
C CYS D 91 -30.27 15.47 15.66
N ALA D 92 -30.72 16.43 16.47
CA ALA D 92 -31.08 16.20 17.87
C ALA D 92 -32.30 17.03 18.29
N SER D 93 -33.00 16.62 19.34
CA SER D 93 -34.17 17.35 19.86
C SER D 93 -34.37 17.09 21.34
N ARG D 94 -35.08 18.02 21.97
CA ARG D 94 -35.48 17.97 23.36
C ARG D 94 -36.54 19.03 23.69
N TYR D 95 -37.23 18.83 24.81
CA TYR D 95 -38.23 19.74 25.33
C TYR D 95 -37.59 20.96 25.91
N PHE D 96 -38.29 22.07 25.87
CA PHE D 96 -37.82 23.27 26.51
C PHE D 96 -37.73 23.05 28.01
N LEU D 97 -38.66 22.27 28.56
CA LEU D 97 -38.68 21.84 29.93
C LEU D 97 -38.65 20.34 30.03
N PRO D 98 -37.38 19.79 30.18
CA PRO D 98 -37.40 18.34 30.40
C PRO D 98 -37.90 18.03 31.80
N GLY D 101 -31.74 15.07 31.39
CA GLY D 101 -32.42 16.27 31.81
C GLY D 101 -32.16 17.34 30.80
N MET D 102 -30.93 17.81 30.78
CA MET D 102 -30.37 18.65 29.72
C MET D 102 -29.92 17.78 28.48
N GLY D 103 -30.06 16.45 28.60
CA GLY D 103 -29.69 15.52 27.54
C GLY D 103 -30.68 15.54 26.39
N ALA D 104 -30.19 15.39 25.15
CA ALA D 104 -31.05 15.40 23.97
C ALA D 104 -31.15 14.01 23.30
N PHE D 105 -32.17 13.83 22.46
CA PHE D 105 -32.45 12.63 21.68
C PHE D 105 -31.84 12.86 20.33
N PHE D 106 -31.07 11.90 19.83
CA PHE D 106 -30.36 12.03 18.57
C PHE D 106 -30.89 11.13 17.47
N GLY D 107 -30.72 11.58 16.23
CA GLY D 107 -31.00 10.80 15.04
C GLY D 107 -29.82 9.86 14.78
N GLN D 108 -29.95 8.99 13.77
CA GLN D 108 -28.93 7.96 13.51
C GLN D 108 -27.74 8.37 12.62
N GLY D 109 -27.79 9.57 12.05
CA GLY D 109 -26.72 10.11 11.23
C GLY D 109 -26.91 10.07 9.73
N THR D 110 -26.35 11.06 9.04
CA THR D 110 -26.34 11.18 7.57
C THR D 110 -24.87 11.31 7.16
N ARG D 111 -24.37 10.34 6.40
CA ARG D 111 -22.98 10.38 5.94
C ARG D 111 -22.94 11.11 4.60
N LEU D 112 -22.15 12.18 4.51
CA LEU D 112 -21.99 12.93 3.30
C LEU D 112 -20.51 12.96 2.90
N THR D 113 -20.26 12.66 1.64
CA THR D 113 -18.93 12.77 1.07
C THR D 113 -18.99 13.73 -0.13
N VAL D 114 -18.14 14.77 -0.11
CA VAL D 114 -18.05 15.75 -1.20
C VAL D 114 -16.77 15.46 -1.98
N VAL D 115 -16.89 15.23 -3.32
CA VAL D 115 -15.73 14.92 -4.17
C VAL D 115 -15.60 15.95 -5.34
N GLU D 116 -14.36 16.22 -5.76
CA GLU D 116 -14.06 17.15 -6.88
C GLU D 116 -14.58 16.56 -8.19
N ASP D 117 -14.50 15.23 -8.32
CA ASP D 117 -14.94 14.53 -9.51
C ASP D 117 -15.56 13.18 -9.15
N LEU D 118 -16.68 12.88 -9.79
CA LEU D 118 -17.44 11.65 -9.62
C LEU D 118 -16.75 10.38 -10.17
N ASN D 119 -15.74 10.55 -11.04
CA ASN D 119 -14.96 9.39 -11.50
C ASN D 119 -14.11 8.77 -10.35
N LYS D 120 -14.15 9.39 -9.14
CA LYS D 120 -13.46 8.84 -7.96
C LYS D 120 -14.37 7.84 -7.19
N VAL D 121 -15.60 7.70 -7.65
CA VAL D 121 -16.60 6.83 -7.00
C VAL D 121 -16.52 5.43 -7.61
N PHE D 122 -16.32 4.41 -6.77
CA PHE D 122 -16.24 3.02 -7.18
C PHE D 122 -17.09 2.12 -6.29
N PRO D 123 -17.83 1.15 -6.86
CA PRO D 123 -18.60 0.23 -5.99
C PRO D 123 -17.65 -0.84 -5.41
N PRO D 124 -18.03 -1.60 -4.37
CA PRO D 124 -17.12 -2.64 -3.86
C PRO D 124 -17.07 -3.88 -4.74
N GLU D 125 -15.93 -4.59 -4.69
CA GLU D 125 -15.73 -5.93 -5.25
C GLU D 125 -15.85 -6.76 -3.99
N VAL D 126 -16.63 -7.83 -4.07
CA VAL D 126 -16.95 -8.71 -2.93
C VAL D 126 -16.50 -10.14 -3.19
N ALA D 127 -15.76 -10.71 -2.23
CA ALA D 127 -15.29 -12.08 -2.33
C ALA D 127 -15.49 -12.82 -1.01
N VAL D 128 -15.85 -14.11 -1.14
CA VAL D 128 -16.03 -15.02 0.00
C VAL D 128 -14.89 -16.05 -0.02
N PHE D 129 -14.27 -16.23 1.15
CA PHE D 129 -13.17 -17.18 1.36
C PHE D 129 -13.71 -18.28 2.22
N GLU D 130 -13.71 -19.50 1.69
CA GLU D 130 -14.27 -20.70 2.32
C GLU D 130 -13.51 -21.21 3.52
N PRO D 131 -14.18 -21.92 4.47
CA PRO D 131 -13.49 -22.41 5.67
C PRO D 131 -12.30 -23.34 5.43
N SER D 132 -11.31 -23.20 6.29
CA SER D 132 -10.08 -23.99 6.33
C SER D 132 -10.46 -25.39 6.79
N GLU D 133 -9.98 -26.41 6.05
CA GLU D 133 -10.24 -27.81 6.39
C GLU D 133 -9.56 -28.16 7.73
N ALA D 134 -8.40 -27.51 8.02
CA ALA D 134 -7.65 -27.69 9.27
C ALA D 134 -8.47 -27.15 10.45
N GLU D 135 -9.18 -26.00 10.28
CA GLU D 135 -10.04 -25.43 11.32
C GLU D 135 -11.18 -26.38 11.69
N ILE D 136 -11.85 -27.00 10.67
CA ILE D 136 -12.95 -27.96 10.83
C ILE D 136 -12.45 -29.17 11.62
N SER D 137 -11.31 -29.74 11.18
CA SER D 137 -10.69 -30.91 11.81
C SER D 137 -10.22 -30.59 13.25
N HIS D 138 -9.67 -29.38 13.48
CA HIS D 138 -9.16 -29.00 14.80
C HIS D 138 -10.23 -28.56 15.80
N THR D 139 -11.30 -27.88 15.34
CA THR D 139 -12.32 -27.32 16.24
C THR D 139 -13.77 -27.81 16.10
N GLN D 140 -14.13 -28.43 14.95
CA GLN D 140 -15.52 -28.82 14.61
C GLN D 140 -16.37 -27.56 14.32
N LYS D 141 -15.68 -26.46 13.98
CA LYS D 141 -16.25 -25.16 13.62
C LYS D 141 -15.69 -24.72 12.26
N ALA D 142 -16.43 -23.84 11.57
CA ALA D 142 -16.03 -23.38 10.24
C ALA D 142 -16.27 -21.88 10.06
N THR D 143 -15.19 -21.13 9.83
CA THR D 143 -15.27 -19.67 9.62
C THR D 143 -15.13 -19.29 8.13
N LEU D 144 -16.13 -18.57 7.62
CA LEU D 144 -16.12 -17.98 6.29
C LEU D 144 -15.67 -16.53 6.47
N VAL D 145 -14.90 -16.01 5.51
CA VAL D 145 -14.46 -14.62 5.54
C VAL D 145 -14.99 -13.88 4.29
N CYS D 146 -15.53 -12.68 4.49
CA CYS D 146 -15.96 -11.86 3.38
C CYS D 146 -15.06 -10.63 3.32
N LEU D 147 -14.53 -10.32 2.13
CA LEU D 147 -13.75 -9.09 1.90
C LEU D 147 -14.49 -8.24 0.87
N ALA D 148 -14.74 -6.97 1.21
CA ALA D 148 -15.34 -5.99 0.30
C ALA D 148 -14.18 -5.01 0.06
N THR D 149 -13.78 -4.84 -1.21
CA THR D 149 -12.60 -4.02 -1.55
C THR D 149 -12.83 -2.98 -2.65
N GLY D 150 -11.93 -1.99 -2.68
CA GLY D 150 -11.87 -0.93 -3.70
C GLY D 150 -13.06 0.01 -3.81
N PHE D 151 -13.84 0.16 -2.75
CA PHE D 151 -14.99 1.07 -2.79
C PHE D 151 -14.65 2.49 -2.35
N TYR D 152 -15.38 3.44 -2.92
CA TYR D 152 -15.31 4.88 -2.60
C TYR D 152 -16.63 5.53 -2.98
N PRO D 153 -17.31 6.25 -2.06
CA PRO D 153 -16.91 6.51 -0.66
C PRO D 153 -17.14 5.29 0.26
N ASP D 154 -16.81 5.44 1.54
CA ASP D 154 -16.99 4.37 2.52
C ASP D 154 -18.48 4.26 3.00
N HIS D 155 -19.45 4.34 2.07
CA HIS D 155 -20.90 4.25 2.39
C HIS D 155 -21.40 2.84 2.07
N VAL D 156 -21.11 1.91 3.00
CA VAL D 156 -21.45 0.47 2.85
C VAL D 156 -22.07 -0.13 4.10
N GLU D 157 -22.93 -1.16 3.91
CA GLU D 157 -23.56 -1.98 4.96
C GLU D 157 -23.38 -3.44 4.53
N LEU D 158 -22.58 -4.22 5.29
CA LEU D 158 -22.32 -5.63 5.01
C LEU D 158 -23.24 -6.54 5.85
N SER D 159 -23.82 -7.56 5.21
CA SER D 159 -24.68 -8.54 5.87
C SER D 159 -24.44 -9.94 5.33
N TRP D 160 -24.76 -10.95 6.15
CA TRP D 160 -24.63 -12.37 5.75
C TRP D 160 -26.03 -12.94 5.63
N TRP D 161 -26.24 -13.76 4.59
CA TRP D 161 -27.54 -14.38 4.30
C TRP D 161 -27.38 -15.86 4.12
N VAL D 162 -28.10 -16.64 4.94
CA VAL D 162 -28.05 -18.09 4.89
C VAL D 162 -29.42 -18.60 4.48
N ASN D 163 -29.50 -19.36 3.37
CA ASN D 163 -30.77 -19.91 2.87
C ASN D 163 -31.88 -18.85 2.70
N GLY D 164 -31.51 -17.69 2.17
CA GLY D 164 -32.44 -16.59 1.91
C GLY D 164 -32.83 -15.80 3.14
N LYS D 165 -32.12 -15.97 4.26
CA LYS D 165 -32.43 -15.22 5.47
C LYS D 165 -31.20 -14.58 6.08
N GLU D 166 -31.32 -13.29 6.45
CA GLU D 166 -30.23 -12.59 7.13
C GLU D 166 -29.94 -13.21 8.50
N VAL D 167 -28.65 -13.47 8.78
CA VAL D 167 -28.17 -14.04 10.07
C VAL D 167 -27.38 -12.99 10.85
N HIS D 168 -27.46 -13.09 12.17
CA HIS D 168 -26.76 -12.21 13.11
C HIS D 168 -25.85 -13.03 13.99
N SER D 169 -26.30 -14.24 14.37
CA SER D 169 -25.54 -15.18 15.19
C SER D 169 -24.28 -15.66 14.45
N GLY D 170 -23.14 -15.64 15.15
CA GLY D 170 -21.82 -16.02 14.64
C GLY D 170 -21.18 -15.01 13.69
N VAL D 171 -21.75 -13.81 13.61
CA VAL D 171 -21.27 -12.73 12.72
C VAL D 171 -20.39 -11.72 13.48
N CYS D 172 -19.22 -11.39 12.91
CA CYS D 172 -18.33 -10.36 13.44
C CYS D 172 -17.77 -9.54 12.28
N THR D 173 -18.13 -8.24 12.21
CA THR D 173 -17.72 -7.33 11.14
C THR D 173 -16.91 -6.18 11.75
N ASP D 174 -15.87 -5.70 11.04
CA ASP D 174 -15.07 -4.53 11.46
C ASP D 174 -15.99 -3.34 11.72
N PRO D 175 -15.77 -2.56 12.79
CA PRO D 175 -16.64 -1.40 13.06
C PRO D 175 -16.59 -0.32 11.98
N GLN D 176 -15.44 -0.19 11.30
CA GLN D 176 -15.23 0.82 10.26
C GLN D 176 -14.44 0.25 9.08
N PRO D 177 -14.68 0.70 7.83
CA PRO D 177 -13.79 0.30 6.71
C PRO D 177 -12.39 0.90 6.88
N LEU D 178 -11.35 0.29 6.29
CA LEU D 178 -9.98 0.84 6.34
C LEU D 178 -9.60 1.49 4.99
N LYS D 179 -8.59 2.40 4.99
CA LYS D 179 -8.09 3.05 3.77
C LYS D 179 -7.07 2.11 3.12
N GLU D 180 -7.23 1.80 1.83
CA GLU D 180 -6.29 0.92 1.11
C GLU D 180 -4.96 1.62 0.87
N GLN D 181 -4.98 2.94 0.71
CA GLN D 181 -3.78 3.77 0.53
C GLN D 181 -3.87 4.95 1.52
N PRO D 182 -3.44 4.76 2.79
CA PRO D 182 -3.52 5.85 3.79
C PRO D 182 -2.90 7.23 3.44
N ALA D 183 -1.90 7.27 2.54
CA ALA D 183 -1.26 8.54 2.12
C ALA D 183 -2.14 9.39 1.18
N LEU D 184 -3.20 8.81 0.60
CA LEU D 184 -4.09 9.52 -0.32
C LEU D 184 -5.40 9.93 0.38
N ASN D 185 -5.79 11.21 0.19
CA ASN D 185 -6.99 11.84 0.77
C ASN D 185 -8.28 11.21 0.29
N ASP D 186 -8.30 10.73 -0.97
CA ASP D 186 -9.47 10.08 -1.55
C ASP D 186 -9.23 8.58 -1.82
N SER D 187 -8.40 7.95 -0.98
CA SER D 187 -8.11 6.51 -1.03
C SER D 187 -9.41 5.67 -1.07
N ARG D 188 -9.37 4.54 -1.78
CA ARG D 188 -10.47 3.58 -1.80
C ARG D 188 -10.43 2.79 -0.49
N TYR D 189 -11.56 2.15 -0.13
CA TYR D 189 -11.68 1.45 1.15
C TYR D 189 -11.89 -0.05 1.04
N ALA D 190 -11.61 -0.74 2.14
CA ALA D 190 -11.79 -2.19 2.31
C ALA D 190 -12.50 -2.45 3.63
N LEU D 191 -13.30 -3.54 3.68
CA LEU D 191 -14.04 -3.96 4.87
C LEU D 191 -14.02 -5.50 4.96
N SER D 192 -13.80 -6.04 6.16
CA SER D 192 -13.80 -7.49 6.36
C SER D 192 -14.88 -7.92 7.34
N SER D 193 -15.30 -9.19 7.24
CA SER D 193 -16.30 -9.80 8.11
C SER D 193 -16.10 -11.28 8.17
N ARG D 194 -16.48 -11.88 9.30
CA ARG D 194 -16.40 -13.31 9.53
C ARG D 194 -17.80 -13.85 9.88
N LEU D 195 -18.11 -15.04 9.40
CA LEU D 195 -19.30 -15.77 9.77
C LEU D 195 -18.81 -17.14 10.25
N ARG D 196 -19.05 -17.47 11.52
CA ARG D 196 -18.65 -18.79 12.03
C ARG D 196 -19.87 -19.67 12.30
N VAL D 197 -19.85 -20.88 11.75
CA VAL D 197 -20.91 -21.87 11.91
C VAL D 197 -20.27 -23.19 12.36
N SER D 198 -21.09 -24.19 12.72
CA SER D 198 -20.55 -25.49 13.11
C SER D 198 -20.11 -26.21 11.83
N ALA D 199 -19.19 -27.19 11.97
CA ALA D 199 -18.73 -28.04 10.86
C ALA D 199 -19.96 -28.71 10.18
N THR D 200 -20.90 -29.29 10.97
CA THR D 200 -22.14 -29.94 10.50
C THR D 200 -22.98 -29.00 9.61
N PHE D 201 -23.12 -27.72 10.02
CA PHE D 201 -23.91 -26.76 9.26
C PHE D 201 -23.24 -26.39 7.94
N TRP D 202 -21.90 -26.20 7.94
CA TRP D 202 -21.13 -25.91 6.71
C TRP D 202 -21.13 -27.12 5.80
N GLN D 203 -21.03 -28.31 6.39
CA GLN D 203 -20.97 -29.58 5.65
C GLN D 203 -22.25 -29.96 4.93
N ASN D 204 -23.37 -29.30 5.30
CA ASN D 204 -24.69 -29.53 4.72
C ASN D 204 -24.79 -28.87 3.34
N PRO D 205 -24.92 -29.68 2.26
CA PRO D 205 -25.00 -29.10 0.90
C PRO D 205 -26.28 -28.31 0.56
N ARG D 206 -27.37 -28.47 1.39
CA ARG D 206 -28.65 -27.75 1.30
C ARG D 206 -28.52 -26.31 1.86
N ASN D 207 -27.33 -25.97 2.42
CA ASN D 207 -27.06 -24.66 2.97
C ASN D 207 -26.35 -23.79 1.96
N HIS D 208 -26.93 -22.61 1.69
CA HIS D 208 -26.40 -21.59 0.78
C HIS D 208 -25.99 -20.36 1.61
N PHE D 209 -24.76 -19.86 1.39
CA PHE D 209 -24.15 -18.71 2.11
C PHE D 209 -23.90 -17.57 1.17
N ARG D 210 -24.28 -16.36 1.57
CA ARG D 210 -24.06 -15.19 0.74
C ARG D 210 -23.64 -13.99 1.57
N CYS D 211 -22.51 -13.38 1.21
CA CYS D 211 -22.08 -12.12 1.83
C CYS D 211 -22.62 -11.03 0.91
N GLN D 212 -23.36 -10.06 1.45
CA GLN D 212 -23.89 -8.97 0.65
C GLN D 212 -23.41 -7.60 1.14
N VAL D 213 -23.06 -6.73 0.19
CA VAL D 213 -22.62 -5.37 0.52
C VAL D 213 -23.53 -4.36 -0.17
N GLN D 214 -24.33 -3.66 0.63
CA GLN D 214 -25.15 -2.57 0.12
C GLN D 214 -24.21 -1.35 0.01
N PHE D 215 -24.12 -0.77 -1.18
CA PHE D 215 -23.29 0.41 -1.46
C PHE D 215 -24.21 1.58 -1.76
N TYR D 216 -23.85 2.78 -1.28
CA TYR D 216 -24.58 4.01 -1.56
C TYR D 216 -23.67 4.88 -2.40
N GLY D 217 -24.04 5.07 -3.65
CA GLY D 217 -23.26 5.80 -4.61
C GLY D 217 -24.04 6.89 -5.31
N LEU D 218 -23.89 6.95 -6.63
CA LEU D 218 -24.52 7.94 -7.49
C LEU D 218 -26.01 7.69 -7.70
N SER D 219 -26.72 8.74 -8.16
CA SER D 219 -28.14 8.72 -8.45
C SER D 219 -28.32 8.84 -9.97
N GLU D 220 -29.53 8.51 -10.48
CA GLU D 220 -29.90 8.58 -11.91
C GLU D 220 -29.64 9.95 -12.51
N ASN D 221 -29.82 11.01 -11.70
CA ASN D 221 -29.60 12.39 -12.10
C ASN D 221 -28.13 12.73 -12.38
N ASP D 222 -27.16 11.98 -11.79
CA ASP D 222 -25.72 12.24 -11.97
C ASP D 222 -25.25 11.88 -13.39
N GLU D 223 -24.44 12.76 -14.01
CA GLU D 223 -23.87 12.50 -15.34
C GLU D 223 -22.75 11.46 -15.22
N TRP D 224 -22.52 10.68 -16.30
CA TRP D 224 -21.48 9.64 -16.31
C TRP D 224 -20.90 9.48 -17.72
N THR D 225 -19.56 9.66 -17.87
CA THR D 225 -18.87 9.54 -19.17
C THR D 225 -17.67 8.57 -19.17
N GLN D 226 -17.74 7.52 -18.36
CA GLN D 226 -16.70 6.50 -18.34
C GLN D 226 -17.30 5.24 -18.96
N ASP D 227 -16.45 4.36 -19.50
CA ASP D 227 -16.90 3.08 -20.05
C ASP D 227 -17.43 2.15 -18.90
N ARG D 228 -16.78 2.17 -17.72
CA ARG D 228 -17.28 1.32 -16.62
C ARG D 228 -18.70 1.69 -16.20
N ALA D 229 -19.45 0.71 -15.70
CA ALA D 229 -20.83 0.88 -15.27
C ALA D 229 -20.93 1.99 -14.25
N LYS D 230 -21.94 2.86 -14.41
CA LYS D 230 -22.20 3.98 -13.52
C LYS D 230 -22.25 3.47 -12.05
N PRO D 231 -21.41 4.02 -11.13
CA PRO D 231 -21.40 3.49 -9.75
C PRO D 231 -22.60 3.96 -8.92
N VAL D 232 -23.82 3.55 -9.33
CA VAL D 232 -25.06 3.88 -8.61
C VAL D 232 -25.15 3.11 -7.27
N THR D 233 -26.10 3.52 -6.43
CA THR D 233 -26.43 2.80 -5.20
C THR D 233 -26.81 1.37 -5.66
N GLN D 234 -26.20 0.33 -5.06
CA GLN D 234 -26.43 -1.05 -5.49
C GLN D 234 -25.96 -2.06 -4.42
N ILE D 235 -26.37 -3.31 -4.59
CA ILE D 235 -25.92 -4.42 -3.76
C ILE D 235 -24.96 -5.25 -4.61
N VAL D 236 -23.80 -5.59 -4.02
CA VAL D 236 -22.83 -6.50 -4.62
C VAL D 236 -22.71 -7.69 -3.65
N SER D 237 -22.82 -8.91 -4.17
CA SER D 237 -22.69 -10.09 -3.33
C SER D 237 -21.69 -11.09 -3.86
N ALA D 238 -21.23 -12.01 -3.01
CA ALA D 238 -20.40 -13.16 -3.35
C ALA D 238 -21.08 -14.35 -2.64
N GLU D 239 -21.16 -15.49 -3.31
CA GLU D 239 -21.84 -16.67 -2.73
C GLU D 239 -20.99 -17.95 -2.61
N ALA D 240 -21.42 -18.86 -1.72
CA ALA D 240 -20.80 -20.19 -1.52
C ALA D 240 -21.82 -21.21 -1.04
N TRP D 241 -21.68 -22.46 -1.47
CA TRP D 241 -22.56 -23.57 -1.07
C TRP D 241 -21.88 -24.46 -0.05
N GLY D 242 -22.67 -24.96 0.91
CA GLY D 242 -22.20 -25.86 1.96
C GLY D 242 -21.62 -27.12 1.37
N ARG D 243 -20.50 -27.62 1.90
CA ARG D 243 -19.85 -28.79 1.31
C ARG D 243 -19.43 -29.91 2.31
N ALA D 244 -19.73 -31.17 1.95
CA ALA D 244 -19.35 -32.35 2.75
C ALA D 244 -18.00 -32.94 2.30
#